data_4WYG
#
_entry.id   4WYG
#
_cell.length_a   63.124
_cell.length_b   66.433
_cell.length_c   205.318
_cell.angle_alpha   90.000
_cell.angle_beta   90.000
_cell.angle_gamma   90.000
#
_symmetry.space_group_name_H-M   'P 21 21 21'
#
loop_
_entity.id
_entity.type
_entity.pdbx_description
1 polymer 'Adenosylmethionine-8-amino-7-oxononanoate aminotransferase'
2 non-polymer "PYRIDOXAL-5'-PHOSPHATE"
3 non-polymer '4-(2-HYDROXYETHYL)-1-PIPERAZINE ETHANESULFONIC ACID'
4 non-polymer 1-{4-[(4-chloro-1H-pyrazol-1-yl)methyl]phenyl}methanamine
5 non-polymer 1,2-ETHANEDIOL
6 water water
#
_entity_poly.entity_id   1
_entity_poly.type   'polypeptide(L)'
_entity_poly.pdbx_seq_one_letter_code
;MGSSHHHHHHSSGLVPRGSHMAAATGGLTPEQIIAVDGAHLWHPYSSIGREAVSPVVAVAAHGAWLTLIRDGQPIEVLDA
MSSWWTAIHGHGHPALDQALTTQLRVMNHVMFGGLTHEPAARLAKLLVDITPAGLDTVFFSDSGSVSVEVAAKMALQYWR
GRGLPGKRRLMTWRGGYHGDTFLAMSICDPHGGMHSLWTDVLAAQVFAPQVPRDYDPAYSAAFEAQLAQHAGELAAVVVE
PVVQGAGGMRFHDPRYLHDLRDICRRYEVLLIFDEIATGFGRTGALFAADHAGVSPDIMCVGKALTGGYLSLAATLCTAD
VAHTISAGAAGALMHGPTFMANPLACAVSVASVELLLGQDWRTRITELAAGLTAGLDTARALPAVTDVRVCGAIGVIECD
RPVDLAVATPAALDRGVWLRPFRNLVYAMPPYICTPAEITQITSAMVEVARLVGSLP
;
_entity_poly.pdbx_strand_id   A,B
#
# COMPACT_ATOMS: atom_id res chain seq x y z
N LEU A 28 2.34 -8.24 -26.61
CA LEU A 28 2.57 -6.88 -27.10
C LEU A 28 4.02 -6.68 -27.52
N THR A 29 4.20 -6.03 -28.66
CA THR A 29 5.53 -5.63 -29.10
C THR A 29 5.97 -4.42 -28.29
N PRO A 30 7.29 -4.17 -28.23
CA PRO A 30 7.76 -2.95 -27.57
C PRO A 30 7.10 -1.68 -28.09
N GLU A 31 6.88 -1.58 -29.40
CA GLU A 31 6.22 -0.39 -29.94
C GLU A 31 4.76 -0.29 -29.47
N GLN A 32 4.09 -1.43 -29.36
CA GLN A 32 2.71 -1.46 -28.84
C GLN A 32 2.66 -1.04 -27.37
N ILE A 33 3.65 -1.50 -26.62
CA ILE A 33 3.76 -1.16 -25.19
C ILE A 33 3.95 0.34 -25.04
N ILE A 34 4.84 0.91 -25.85
CA ILE A 34 5.05 2.35 -25.86
C ILE A 34 3.78 3.12 -26.17
N ALA A 35 3.01 2.64 -27.14
CA ALA A 35 1.79 3.31 -27.55
C ALA A 35 0.76 3.31 -26.44
N VAL A 36 0.56 2.15 -25.82
CA VAL A 36 -0.42 2.04 -24.74
C VAL A 36 0.04 2.90 -23.56
N ASP A 37 1.32 2.80 -23.26
CA ASP A 37 1.91 3.54 -22.15
C ASP A 37 1.72 5.04 -22.32
N GLY A 38 1.99 5.55 -23.51
CA GLY A 38 1.88 6.98 -23.74
C GLY A 38 0.43 7.46 -23.61
N ALA A 39 -0.50 6.60 -24.00
CA ALA A 39 -1.91 6.99 -24.02
C ALA A 39 -2.58 6.87 -22.65
N HIS A 40 -2.13 5.92 -21.83
CA HIS A 40 -2.95 5.52 -20.68
C HIS A 40 -2.24 5.38 -19.34
N LEU A 41 -0.91 5.36 -19.32
CA LEU A 41 -0.20 5.11 -18.06
C LEU A 41 0.43 6.35 -17.44
N TRP A 42 0.10 6.61 -16.18
CA TRP A 42 0.71 7.68 -15.42
C TRP A 42 1.95 7.13 -14.70
N HIS A 43 3.11 7.75 -14.93
CA HIS A 43 4.34 7.31 -14.27
C HIS A 43 4.64 8.14 -13.00
N PRO A 44 5.55 7.64 -12.12
CA PRO A 44 5.82 8.35 -10.87
C PRO A 44 6.31 9.78 -11.07
N TYR A 45 5.81 10.67 -10.22
CA TYR A 45 6.37 12.01 -10.05
C TYR A 45 6.42 12.76 -11.38
N SER A 46 5.36 12.61 -12.16
CA SER A 46 5.40 13.10 -13.53
C SER A 46 4.13 13.84 -13.96
N SER A 47 4.26 14.54 -15.08
CA SER A 47 3.14 15.19 -15.74
C SER A 47 2.82 14.38 -16.97
N ILE A 48 1.64 13.77 -17.01
CA ILE A 48 1.32 12.89 -18.11
C ILE A 48 1.18 13.69 -19.41
N GLY A 49 1.80 13.17 -20.48
CA GLY A 49 1.82 13.84 -21.77
C GLY A 49 2.82 14.97 -21.91
N ARG A 50 3.57 15.25 -20.84
CA ARG A 50 4.45 16.41 -20.83
C ARG A 50 5.88 16.08 -20.42
N GLU A 51 6.25 14.80 -20.40
CA GLU A 51 7.60 14.43 -19.99
C GLU A 51 8.55 14.38 -21.19
N ALA A 52 9.73 14.98 -21.01
CA ALA A 52 10.72 15.07 -22.09
C ALA A 52 11.34 13.72 -22.39
N VAL A 53 11.52 12.91 -21.34
CA VAL A 53 12.15 11.60 -21.48
C VAL A 53 11.10 10.50 -21.29
N SER A 54 10.79 9.78 -22.37
CA SER A 54 9.75 8.75 -22.33
C SER A 54 10.31 7.47 -21.70
N PRO A 55 9.43 6.60 -21.19
CA PRO A 55 9.97 5.42 -20.53
C PRO A 55 10.60 4.42 -21.48
N VAL A 56 11.56 3.67 -20.97
CA VAL A 56 12.24 2.62 -21.72
C VAL A 56 11.54 1.31 -21.46
N VAL A 57 11.25 0.54 -22.51
CA VAL A 57 10.55 -0.73 -22.34
C VAL A 57 11.48 -1.78 -21.75
N ALA A 58 11.08 -2.39 -20.62
CA ALA A 58 11.82 -3.50 -20.04
C ALA A 58 11.13 -4.80 -20.38
N VAL A 59 11.88 -5.79 -20.85
CA VAL A 59 11.28 -7.06 -21.26
C VAL A 59 11.77 -8.29 -20.48
N ALA A 60 12.86 -8.16 -19.72
CA ALA A 60 13.34 -9.24 -18.86
C ALA A 60 14.21 -8.71 -17.73
N ALA A 61 14.34 -9.50 -16.68
CA ALA A 61 15.28 -9.20 -15.62
C ALA A 61 15.78 -10.48 -15.02
N HIS A 62 17.11 -10.65 -14.98
N HIS A 62 17.10 -10.60 -14.93
CA HIS A 62 17.69 -11.85 -14.40
CA HIS A 62 17.75 -11.82 -14.45
C HIS A 62 19.02 -11.51 -13.73
C HIS A 62 19.02 -11.46 -13.72
N GLY A 63 19.13 -11.85 -12.45
CA GLY A 63 20.31 -11.52 -11.67
C GLY A 63 20.43 -10.01 -11.54
N ALA A 64 21.63 -9.47 -11.76
CA ALA A 64 21.83 -8.03 -11.67
C ALA A 64 21.46 -7.28 -12.94
N TRP A 65 20.91 -7.98 -13.93
CA TRP A 65 20.78 -7.42 -15.28
C TRP A 65 19.33 -7.26 -15.74
N LEU A 66 19.08 -6.14 -16.42
CA LEU A 66 17.80 -5.91 -17.07
C LEU A 66 17.98 -6.05 -18.57
N THR A 67 16.98 -6.56 -19.26
CA THR A 67 16.93 -6.46 -20.71
C THR A 67 15.98 -5.33 -21.11
N LEU A 68 16.53 -4.28 -21.72
CA LEU A 68 15.76 -3.12 -22.12
C LEU A 68 15.71 -3.02 -23.64
N ILE A 69 14.69 -2.35 -24.16
CA ILE A 69 14.59 -2.18 -25.61
C ILE A 69 15.07 -0.79 -25.98
N ARG A 70 16.10 -0.75 -26.79
CA ARG A 70 16.62 0.54 -27.22
C ARG A 70 16.76 0.52 -28.73
N ASP A 71 16.13 1.50 -29.39
CA ASP A 71 16.12 1.59 -30.84
C ASP A 71 15.70 0.27 -31.47
N GLY A 72 14.70 -0.37 -30.87
CA GLY A 72 14.13 -1.59 -31.41
C GLY A 72 14.88 -2.85 -31.01
N GLN A 73 16.03 -2.68 -30.38
CA GLN A 73 16.91 -3.81 -30.07
C GLN A 73 17.04 -4.07 -28.57
N PRO A 74 17.06 -5.34 -28.18
CA PRO A 74 17.28 -5.65 -26.76
C PRO A 74 18.73 -5.40 -26.35
N ILE A 75 18.92 -4.73 -25.22
N ILE A 75 18.90 -4.75 -25.20
CA ILE A 75 20.25 -4.53 -24.66
CA ILE A 75 20.23 -4.52 -24.63
C ILE A 75 20.25 -4.96 -23.20
C ILE A 75 20.24 -4.99 -23.18
N GLU A 76 21.38 -5.51 -22.74
CA GLU A 76 21.55 -5.93 -21.35
C GLU A 76 22.23 -4.83 -20.55
N VAL A 77 21.62 -4.40 -19.45
CA VAL A 77 22.21 -3.34 -18.63
C VAL A 77 22.13 -3.70 -17.16
N LEU A 78 23.10 -3.23 -16.38
CA LEU A 78 23.11 -3.52 -14.95
C LEU A 78 22.05 -2.68 -14.24
N ASP A 79 21.28 -3.34 -13.37
CA ASP A 79 20.27 -2.64 -12.55
C ASP A 79 20.99 -1.98 -11.37
N ALA A 80 21.67 -0.87 -11.65
CA ALA A 80 22.49 -0.20 -10.64
C ALA A 80 21.65 0.42 -9.52
N MET A 81 20.34 0.54 -9.77
CA MET A 81 19.41 1.12 -8.82
C MET A 81 18.74 0.09 -7.94
N SER A 82 19.01 -1.20 -8.20
CA SER A 82 18.27 -2.29 -7.57
C SER A 82 16.76 -2.08 -7.67
N SER A 83 16.31 -1.49 -8.78
CA SER A 83 14.87 -1.24 -8.98
C SER A 83 14.27 -0.48 -7.81
N TRP A 84 14.80 0.73 -7.62
CA TRP A 84 14.44 1.61 -6.51
C TRP A 84 14.70 0.93 -5.16
N TRP A 85 15.88 0.31 -5.07
CA TRP A 85 16.50 -0.05 -3.80
C TRP A 85 15.87 -1.29 -3.18
N THR A 86 15.35 -2.18 -4.02
CA THR A 86 14.60 -3.33 -3.53
C THR A 86 15.26 -4.67 -3.84
N ALA A 87 15.90 -4.76 -5.00
CA ALA A 87 16.37 -6.04 -5.53
C ALA A 87 17.74 -6.46 -4.98
N ILE A 88 17.83 -6.64 -3.67
CA ILE A 88 19.13 -6.82 -3.04
C ILE A 88 19.83 -8.13 -3.43
N HIS A 89 19.05 -9.15 -3.81
CA HIS A 89 19.62 -10.43 -4.27
C HIS A 89 19.54 -10.55 -5.80
N GLY A 90 19.27 -9.45 -6.48
CA GLY A 90 19.05 -9.51 -7.91
C GLY A 90 17.67 -10.04 -8.25
N HIS A 91 17.38 -10.11 -9.55
CA HIS A 91 16.10 -10.58 -10.05
C HIS A 91 16.14 -12.09 -10.34
N GLY A 92 15.01 -12.77 -10.15
CA GLY A 92 14.92 -14.17 -10.52
C GLY A 92 15.89 -15.08 -9.79
N HIS A 93 16.13 -14.79 -8.51
CA HIS A 93 16.98 -15.65 -7.70
C HIS A 93 16.23 -16.95 -7.45
N PRO A 94 16.88 -18.11 -7.67
CA PRO A 94 16.12 -19.36 -7.58
C PRO A 94 15.49 -19.62 -6.21
N ALA A 95 16.11 -19.15 -5.13
CA ALA A 95 15.59 -19.40 -3.78
C ALA A 95 14.30 -18.63 -3.59
N LEU A 96 14.29 -17.40 -4.10
N LEU A 96 14.28 -17.41 -4.09
CA LEU A 96 13.14 -16.53 -3.95
CA LEU A 96 13.10 -16.55 -3.93
C LEU A 96 12.02 -16.94 -4.92
C LEU A 96 12.00 -16.93 -4.92
N ASP A 97 12.38 -17.27 -6.15
CA ASP A 97 11.43 -17.78 -7.13
C ASP A 97 10.71 -19.01 -6.57
N GLN A 98 11.48 -19.94 -6.02
CA GLN A 98 10.89 -21.17 -5.53
C GLN A 98 10.06 -20.97 -4.26
N ALA A 99 10.44 -20.03 -3.41
CA ALA A 99 9.62 -19.74 -2.24
C ALA A 99 8.23 -19.26 -2.65
N LEU A 100 8.19 -18.45 -3.70
N LEU A 100 8.19 -18.44 -3.69
CA LEU A 100 6.94 -17.94 -4.23
CA LEU A 100 6.93 -17.95 -4.22
C LEU A 100 6.08 -19.06 -4.83
C LEU A 100 6.08 -19.08 -4.81
N THR A 101 6.67 -19.87 -5.70
CA THR A 101 5.88 -20.91 -6.38
C THR A 101 5.45 -22.01 -5.41
N THR A 102 6.28 -22.30 -4.40
CA THR A 102 5.89 -23.23 -3.36
C THR A 102 4.66 -22.72 -2.61
N GLN A 103 4.67 -21.45 -2.22
CA GLN A 103 3.51 -20.92 -1.51
C GLN A 103 2.28 -20.84 -2.40
N LEU A 104 2.50 -20.54 -3.68
CA LEU A 104 1.41 -20.43 -4.64
C LEU A 104 0.65 -21.75 -4.77
N ARG A 105 1.38 -22.84 -4.65
CA ARG A 105 0.79 -24.15 -4.73
C ARG A 105 -0.12 -24.46 -3.54
N VAL A 106 0.20 -23.92 -2.36
CA VAL A 106 -0.52 -24.25 -1.13
CA VAL A 106 -0.57 -24.30 -1.17
C VAL A 106 -1.65 -23.28 -0.81
N MET A 107 -1.35 -21.99 -0.88
CA MET A 107 -2.29 -20.96 -0.42
C MET A 107 -1.83 -19.57 -0.88
N ASN A 108 -2.50 -19.00 -1.87
CA ASN A 108 -2.10 -17.68 -2.39
C ASN A 108 -2.32 -16.58 -1.37
N HIS A 109 -3.47 -16.62 -0.73
CA HIS A 109 -3.87 -15.55 0.17
C HIS A 109 -5.12 -15.94 0.95
N VAL A 110 -5.16 -15.59 2.23
CA VAL A 110 -6.39 -15.60 3.00
C VAL A 110 -6.47 -14.30 3.80
N MET A 111 -7.67 -13.94 4.22
CA MET A 111 -7.84 -12.71 5.00
C MET A 111 -7.23 -12.83 6.40
N PHE A 112 -6.53 -11.79 6.83
CA PHE A 112 -5.87 -11.82 8.13
C PHE A 112 -6.84 -11.43 9.25
N GLY A 113 -8.05 -11.04 8.88
CA GLY A 113 -9.09 -10.79 9.87
C GLY A 113 -9.73 -12.08 10.32
N GLY A 114 -9.17 -12.69 11.36
CA GLY A 114 -9.72 -13.93 11.90
C GLY A 114 -8.88 -15.16 11.67
N LEU A 115 -7.97 -15.08 10.70
CA LEU A 115 -7.10 -16.21 10.33
C LEU A 115 -5.63 -15.86 10.52
N THR A 116 -4.79 -16.86 10.76
CA THR A 116 -3.35 -16.66 10.69
C THR A 116 -2.72 -17.77 9.86
N HIS A 117 -1.42 -17.67 9.62
CA HIS A 117 -0.79 -18.64 8.72
C HIS A 117 0.72 -18.67 8.87
N GLU A 118 1.32 -19.72 8.30
CA GLU A 118 2.76 -19.96 8.48
C GLU A 118 3.67 -18.85 7.94
N PRO A 119 3.43 -18.38 6.70
CA PRO A 119 4.35 -17.31 6.25
C PRO A 119 4.36 -16.07 7.14
N ALA A 120 3.20 -15.64 7.65
CA ALA A 120 3.18 -14.48 8.53
C ALA A 120 3.94 -14.76 9.82
N ALA A 121 3.72 -15.95 10.38
CA ALA A 121 4.40 -16.33 11.61
C ALA A 121 5.91 -16.42 11.41
N ARG A 122 6.31 -17.08 10.33
N ARG A 122 6.34 -17.08 10.34
CA ARG A 122 7.72 -17.22 9.98
CA ARG A 122 7.77 -17.20 10.07
C ARG A 122 8.40 -15.86 9.83
C ARG A 122 8.40 -15.82 9.88
N LEU A 123 7.76 -14.96 9.10
CA LEU A 123 8.32 -13.63 8.86
C LEU A 123 8.35 -12.78 10.12
N ALA A 124 7.26 -12.81 10.91
CA ALA A 124 7.23 -12.04 12.15
C ALA A 124 8.37 -12.48 13.08
N LYS A 125 8.52 -13.80 13.22
N LYS A 125 8.55 -13.79 13.24
CA LYS A 125 9.57 -14.40 14.05
CA LYS A 125 9.60 -14.31 14.11
C LYS A 125 10.96 -13.90 13.63
C LYS A 125 10.98 -13.88 13.63
N LEU A 126 11.23 -13.96 12.33
CA LEU A 126 12.48 -13.45 11.78
C LEU A 126 12.68 -11.96 12.07
N LEU A 127 11.65 -11.15 11.81
CA LEU A 127 11.78 -9.71 11.95
C LEU A 127 12.02 -9.31 13.39
N VAL A 128 11.31 -9.92 14.34
CA VAL A 128 11.52 -9.60 15.74
CA VAL A 128 11.54 -9.54 15.73
C VAL A 128 12.95 -9.95 16.17
N ASP A 129 13.47 -11.07 15.65
CA ASP A 129 14.78 -11.54 16.09
CA ASP A 129 14.78 -11.56 16.06
C ASP A 129 15.94 -10.70 15.55
N ILE A 130 15.81 -10.15 14.35
CA ILE A 130 16.93 -9.42 13.76
C ILE A 130 16.86 -7.90 13.87
N THR A 131 15.71 -7.36 14.28
CA THR A 131 15.61 -5.92 14.44
C THR A 131 16.18 -5.50 15.80
N PRO A 132 16.44 -4.20 15.99
CA PRO A 132 16.93 -3.73 17.29
C PRO A 132 16.13 -4.25 18.47
N ALA A 133 16.80 -4.48 19.60
CA ALA A 133 16.16 -5.11 20.75
C ALA A 133 14.91 -4.41 21.21
N GLY A 134 13.91 -5.21 21.58
CA GLY A 134 12.73 -4.65 22.20
C GLY A 134 11.56 -4.53 21.27
N LEU A 135 11.82 -4.68 19.97
CA LEU A 135 10.73 -4.61 19.00
C LEU A 135 10.14 -6.00 18.84
N ASP A 136 9.04 -6.26 19.53
CA ASP A 136 8.54 -7.63 19.60
C ASP A 136 7.16 -7.82 19.00
N THR A 137 6.60 -6.77 18.39
CA THR A 137 5.29 -6.90 17.73
CA THR A 137 5.30 -6.86 17.77
C THR A 137 5.35 -6.33 16.33
N VAL A 138 4.67 -7.02 15.42
CA VAL A 138 4.73 -6.73 13.99
C VAL A 138 3.35 -6.53 13.36
N PHE A 139 3.17 -5.37 12.73
CA PHE A 139 1.96 -5.06 11.98
C PHE A 139 2.29 -5.00 10.50
N PHE A 140 1.79 -5.96 9.73
CA PHE A 140 2.11 -5.99 8.30
C PHE A 140 1.20 -5.06 7.50
N SER A 141 1.75 -4.42 6.47
CA SER A 141 0.93 -3.66 5.54
C SER A 141 1.47 -3.83 4.13
N ASP A 142 0.91 -3.09 3.20
CA ASP A 142 1.23 -3.40 1.81
CA ASP A 142 1.09 -3.31 1.77
C ASP A 142 2.14 -2.40 1.13
N SER A 143 2.51 -1.34 1.82
CA SER A 143 3.50 -0.43 1.27
C SER A 143 4.16 0.38 2.35
N GLY A 144 5.31 0.93 2.01
CA GLY A 144 6.07 1.75 2.91
C GLY A 144 5.30 2.95 3.45
N SER A 145 4.62 3.67 2.58
CA SER A 145 3.89 4.85 3.01
C SER A 145 2.83 4.45 4.03
N VAL A 146 2.16 3.33 3.78
CA VAL A 146 1.14 2.88 4.73
C VAL A 146 1.78 2.52 6.06
N SER A 147 2.96 1.90 6.02
CA SER A 147 3.62 1.49 7.27
C SER A 147 4.00 2.73 8.10
N VAL A 148 4.26 3.85 7.42
CA VAL A 148 4.56 5.10 8.13
C VAL A 148 3.28 5.65 8.77
N GLU A 149 2.16 5.58 8.05
CA GLU A 149 0.86 6.00 8.59
C GLU A 149 0.50 5.16 9.80
N VAL A 150 0.78 3.86 9.74
CA VAL A 150 0.52 2.97 10.86
C VAL A 150 1.42 3.35 12.05
N ALA A 151 2.69 3.65 11.79
CA ALA A 151 3.60 4.07 12.86
C ALA A 151 3.09 5.33 13.57
N ALA A 152 2.63 6.30 12.78
CA ALA A 152 2.10 7.53 13.35
C ALA A 152 0.84 7.25 14.16
N LYS A 153 -0.03 6.41 13.62
CA LYS A 153 -1.27 6.04 14.32
C LYS A 153 -0.92 5.34 15.64
N MET A 154 0.06 4.45 15.60
CA MET A 154 0.53 3.81 16.84
C MET A 154 0.98 4.84 17.86
N ALA A 155 1.76 5.82 17.42
CA ALA A 155 2.30 6.80 18.35
C ALA A 155 1.18 7.67 18.90
N LEU A 156 0.27 8.11 18.04
CA LEU A 156 -0.80 8.97 18.52
C LEU A 156 -1.73 8.20 19.46
N GLN A 157 -2.02 6.94 19.12
CA GLN A 157 -2.95 6.16 19.93
C GLN A 157 -2.30 5.79 21.26
N TYR A 158 -0.98 5.62 21.26
CA TYR A 158 -0.25 5.35 22.50
C TYR A 158 -0.55 6.44 23.53
N TRP A 159 -0.47 7.70 23.11
CA TRP A 159 -0.64 8.78 24.06
C TRP A 159 -2.10 8.97 24.43
N ARG A 160 -3.01 8.61 23.52
CA ARG A 160 -4.43 8.60 23.88
C ARG A 160 -4.69 7.54 24.96
N GLY A 161 -3.99 6.42 24.83
CA GLY A 161 -4.07 5.36 25.82
C GLY A 161 -3.50 5.79 27.17
N ARG A 162 -2.59 6.75 27.16
CA ARG A 162 -2.03 7.30 28.41
C ARG A 162 -2.84 8.48 28.94
N GLY A 163 -3.91 8.85 28.24
CA GLY A 163 -4.73 9.99 28.63
C GLY A 163 -4.05 11.32 28.37
N LEU A 164 -3.21 11.36 27.35
CA LEU A 164 -2.54 12.60 26.95
C LEU A 164 -2.71 12.88 25.45
N PRO A 165 -3.94 13.15 25.02
CA PRO A 165 -4.23 13.30 23.58
C PRO A 165 -3.68 14.60 22.98
N GLY A 166 -3.16 15.49 23.81
CA GLY A 166 -2.47 16.67 23.31
C GLY A 166 -1.14 16.33 22.65
N LYS A 167 -0.59 15.17 22.96
CA LYS A 167 0.65 14.72 22.32
C LYS A 167 0.27 14.15 20.94
N ARG A 168 0.17 15.03 19.95
CA ARG A 168 -0.37 14.61 18.67
CA ARG A 168 -0.37 14.62 18.66
C ARG A 168 0.44 15.11 17.46
N ARG A 169 1.49 15.88 17.71
CA ARG A 169 2.35 16.33 16.61
C ARG A 169 3.58 15.44 16.48
N LEU A 170 4.22 15.52 15.31
CA LEU A 170 5.47 14.81 15.07
C LEU A 170 6.60 15.82 14.93
N MET A 171 7.80 15.39 15.31
CA MET A 171 9.01 16.18 15.16
C MET A 171 10.01 15.41 14.31
N THR A 172 10.68 16.13 13.41
CA THR A 172 11.73 15.51 12.63
C THR A 172 12.78 16.55 12.29
N TRP A 173 13.83 16.13 11.60
CA TRP A 173 14.82 17.08 11.11
C TRP A 173 14.61 17.26 9.60
N ARG A 174 15.14 18.34 9.05
CA ARG A 174 14.95 18.59 7.62
C ARG A 174 15.73 17.58 6.79
N GLY A 175 15.43 17.54 5.49
CA GLY A 175 16.10 16.64 4.57
C GLY A 175 15.43 15.28 4.43
N GLY A 176 14.30 15.09 5.09
CA GLY A 176 13.72 13.76 5.21
C GLY A 176 12.65 13.43 4.19
N TYR A 177 12.38 12.13 4.05
CA TYR A 177 11.35 11.63 3.15
C TYR A 177 10.75 10.41 3.78
N HIS A 178 9.42 10.30 3.75
CA HIS A 178 8.75 9.21 4.44
C HIS A 178 7.57 8.64 3.69
N GLY A 179 7.47 8.91 2.40
CA GLY A 179 6.35 8.42 1.61
C GLY A 179 5.42 9.51 1.10
N ASP A 180 4.35 9.09 0.43
CA ASP A 180 3.54 10.03 -0.36
C ASP A 180 2.07 10.14 0.06
N THR A 181 1.64 9.36 1.05
CA THR A 181 0.29 9.55 1.60
C THR A 181 0.30 10.82 2.46
N PHE A 182 -0.88 11.38 2.76
CA PHE A 182 -0.89 12.74 3.28
C PHE A 182 -0.26 12.93 4.67
N LEU A 183 -0.39 11.96 5.56
N LEU A 183 -0.34 11.97 5.58
CA LEU A 183 0.33 12.05 6.83
CA LEU A 183 0.36 12.19 6.83
C LEU A 183 1.84 11.99 6.58
C LEU A 183 1.87 11.92 6.67
N ALA A 184 2.25 10.97 5.81
CA ALA A 184 3.67 10.81 5.49
C ALA A 184 4.27 12.07 4.85
N MET A 185 3.50 12.75 4.01
CA MET A 185 3.97 13.97 3.36
C MET A 185 4.30 15.07 4.40
N SER A 186 3.61 15.03 5.54
CA SER A 186 3.73 16.11 6.52
C SER A 186 5.08 16.15 7.22
N ILE A 187 5.86 15.05 7.12
CA ILE A 187 7.22 15.05 7.70
C ILE A 187 8.30 15.04 6.60
N CYS A 188 7.89 15.18 5.34
CA CYS A 188 8.82 15.44 4.26
C CYS A 188 9.41 16.83 4.41
N ASP A 189 10.67 16.99 3.99
N ASP A 189 10.67 17.00 3.99
CA ASP A 189 11.34 18.28 3.90
CA ASP A 189 11.32 18.30 4.05
C ASP A 189 10.43 19.41 3.37
C ASP A 189 10.44 19.38 3.42
N PRO A 190 10.08 20.39 4.21
CA PRO A 190 9.10 21.41 3.79
C PRO A 190 9.55 22.34 2.68
N HIS A 191 10.84 22.57 2.54
CA HIS A 191 11.29 23.54 1.54
C HIS A 191 11.86 22.87 0.30
N GLY A 192 12.71 21.88 0.50
CA GLY A 192 13.36 21.22 -0.62
C GLY A 192 12.75 19.90 -0.99
N GLY A 193 11.78 19.43 -0.21
CA GLY A 193 11.21 18.11 -0.45
C GLY A 193 10.19 18.11 -1.56
N MET A 194 9.85 16.93 -2.04
CA MET A 194 9.01 16.82 -3.23
C MET A 194 7.58 17.25 -2.95
N HIS A 195 7.21 17.29 -1.67
CA HIS A 195 5.83 17.62 -1.29
C HIS A 195 5.65 19.06 -0.82
N SER A 196 6.62 19.90 -1.13
CA SER A 196 6.66 21.25 -0.56
C SER A 196 5.47 22.10 -0.96
N LEU A 197 4.88 21.84 -2.12
CA LEU A 197 3.75 22.65 -2.57
C LEU A 197 2.48 22.37 -1.76
N TRP A 198 2.46 21.30 -0.98
CA TRP A 198 1.26 20.90 -0.23
C TRP A 198 1.26 21.41 1.21
N THR A 199 2.30 22.15 1.59
CA THR A 199 2.49 22.57 2.99
C THR A 199 1.21 23.13 3.61
N ASP A 200 0.50 23.97 2.85
CA ASP A 200 -0.69 24.66 3.34
C ASP A 200 -1.87 23.75 3.68
N VAL A 201 -1.84 22.48 3.25
CA VAL A 201 -2.94 21.58 3.59
C VAL A 201 -2.48 20.38 4.44
N LEU A 202 -1.20 20.32 4.75
CA LEU A 202 -0.67 19.21 5.55
C LEU A 202 -0.71 19.52 7.04
N ALA A 203 -0.77 18.48 7.86
CA ALA A 203 -0.53 18.61 9.29
C ALA A 203 0.78 19.39 9.49
N ALA A 204 0.76 20.32 10.45
CA ALA A 204 1.90 21.20 10.67
C ALA A 204 2.80 20.58 11.74
N GLN A 205 3.94 20.05 11.30
CA GLN A 205 4.81 19.34 12.22
C GLN A 205 5.98 20.21 12.64
N VAL A 206 6.81 19.68 13.53
CA VAL A 206 7.95 20.42 14.07
C VAL A 206 9.24 19.97 13.36
N PHE A 207 9.99 20.93 12.82
CA PHE A 207 11.21 20.64 12.08
C PHE A 207 12.44 21.28 12.69
N ALA A 208 13.41 20.43 13.03
CA ALA A 208 14.75 20.86 13.39
C ALA A 208 15.55 21.09 12.12
N PRO A 209 16.65 21.83 12.21
CA PRO A 209 17.46 22.05 11.00
C PRO A 209 18.03 20.75 10.44
N GLN A 210 18.49 20.82 9.19
CA GLN A 210 19.19 19.71 8.56
C GLN A 210 20.26 19.14 9.47
N VAL A 211 20.19 17.83 9.72
CA VAL A 211 21.23 17.17 10.53
C VAL A 211 22.55 17.15 9.74
N PRO A 212 23.64 17.60 10.36
CA PRO A 212 24.91 17.65 9.60
C PRO A 212 25.52 16.27 9.40
N ARG A 213 26.48 16.20 8.47
CA ARG A 213 27.24 14.98 8.26
C ARG A 213 28.11 14.63 9.48
N ASP A 214 28.93 15.59 9.89
CA ASP A 214 29.85 15.35 11.00
C ASP A 214 29.18 15.62 12.35
N TYR A 215 29.60 14.90 13.38
CA TYR A 215 28.99 15.07 14.69
C TYR A 215 29.34 16.40 15.34
N ASP A 216 28.31 17.13 15.75
CA ASP A 216 28.45 18.41 16.40
C ASP A 216 27.50 18.43 17.59
N PRO A 217 28.05 18.36 18.81
CA PRO A 217 27.23 18.38 20.02
C PRO A 217 26.26 19.57 20.08
N ALA A 218 26.61 20.68 19.44
CA ALA A 218 25.73 21.85 19.44
C ALA A 218 24.41 21.56 18.72
N TYR A 219 24.46 20.70 17.71
CA TYR A 219 23.24 20.37 16.98
C TYR A 219 22.27 19.62 17.87
N SER A 220 22.78 18.62 18.59
CA SER A 220 21.94 17.81 19.48
C SER A 220 21.39 18.64 20.65
N ALA A 221 22.21 19.55 21.17
CA ALA A 221 21.73 20.44 22.24
C ALA A 221 20.56 21.30 21.73
N ALA A 222 20.68 21.80 20.50
CA ALA A 222 19.64 22.63 19.90
C ALA A 222 18.39 21.78 19.63
N PHE A 223 18.59 20.55 19.15
CA PHE A 223 17.46 19.64 18.94
C PHE A 223 16.70 19.41 20.24
N GLU A 224 17.44 19.09 21.30
CA GLU A 224 16.83 18.90 22.61
C GLU A 224 16.08 20.14 23.09
N ALA A 225 16.67 21.32 22.91
CA ALA A 225 16.01 22.55 23.33
C ALA A 225 14.68 22.75 22.61
N GLN A 226 14.68 22.48 21.31
CA GLN A 226 13.47 22.61 20.51
C GLN A 226 12.41 21.59 20.92
N LEU A 227 12.82 20.34 21.05
CA LEU A 227 11.91 19.30 21.49
C LEU A 227 11.33 19.62 22.87
N ALA A 228 12.17 20.09 23.79
CA ALA A 228 11.68 20.38 25.14
C ALA A 228 10.56 21.42 25.13
N GLN A 229 10.64 22.40 24.23
CA GLN A 229 9.58 23.41 24.23
CA GLN A 229 9.61 23.44 24.11
C GLN A 229 8.29 22.87 23.63
N HIS A 230 8.37 21.78 22.88
CA HIS A 230 7.18 21.17 22.28
C HIS A 230 6.77 19.81 22.86
N ALA A 231 7.51 19.31 23.87
CA ALA A 231 7.34 17.93 24.29
C ALA A 231 5.90 17.59 24.68
N GLY A 232 5.19 18.56 25.25
CA GLY A 232 3.82 18.35 25.66
C GLY A 232 2.83 18.12 24.53
N GLU A 233 3.22 18.53 23.32
CA GLU A 233 2.34 18.34 22.18
C GLU A 233 2.96 17.38 21.17
N LEU A 234 4.07 16.74 21.53
CA LEU A 234 4.72 15.79 20.61
C LEU A 234 4.45 14.33 20.93
N ALA A 235 3.92 13.62 19.94
CA ALA A 235 3.73 12.17 20.06
C ALA A 235 5.05 11.43 19.83
N ALA A 236 5.82 11.90 18.84
CA ALA A 236 7.01 11.17 18.42
C ALA A 236 7.97 12.04 17.63
N VAL A 237 9.24 11.62 17.66
CA VAL A 237 10.27 12.03 16.72
C VAL A 237 10.34 10.93 15.65
N VAL A 238 10.32 11.32 14.38
CA VAL A 238 10.40 10.35 13.28
C VAL A 238 11.57 10.74 12.39
N VAL A 239 12.55 9.85 12.24
CA VAL A 239 13.68 10.13 11.35
C VAL A 239 14.09 8.90 10.54
N GLU A 240 14.80 9.16 9.44
CA GLU A 240 15.58 8.10 8.79
C GLU A 240 16.93 8.00 9.47
N PRO A 241 17.31 6.81 9.95
CA PRO A 241 18.60 6.69 10.63
C PRO A 241 19.80 6.55 9.68
N VAL A 242 20.79 7.40 9.92
CA VAL A 242 22.12 7.40 9.27
C VAL A 242 22.10 7.90 7.83
N VAL A 243 21.16 7.39 7.02
CA VAL A 243 21.04 7.83 5.63
C VAL A 243 19.65 8.38 5.36
N GLN A 244 19.61 9.62 4.88
CA GLN A 244 18.39 10.19 4.33
C GLN A 244 18.39 9.98 2.83
N GLY A 245 17.48 9.14 2.33
CA GLY A 245 17.53 8.74 0.93
C GLY A 245 16.93 9.71 -0.08
N ALA A 246 15.61 9.65 -0.21
CA ALA A 246 14.94 10.39 -1.29
C ALA A 246 15.04 11.90 -1.16
N GLY A 247 15.32 12.38 0.05
CA GLY A 247 15.49 13.80 0.26
C GLY A 247 16.87 14.34 -0.05
N GLY A 248 17.79 13.48 -0.52
CA GLY A 248 19.11 13.98 -0.91
C GLY A 248 20.32 13.08 -0.71
N MET A 249 20.10 11.80 -0.39
CA MET A 249 21.20 10.86 -0.16
C MET A 249 22.26 11.44 0.76
N ARG A 250 21.81 11.94 1.90
CA ARG A 250 22.68 12.59 2.87
C ARG A 250 22.99 11.60 3.96
N PHE A 251 24.23 11.57 4.41
CA PHE A 251 24.62 10.71 5.52
C PHE A 251 24.91 11.54 6.77
N HIS A 252 24.58 11.01 7.95
CA HIS A 252 24.95 11.71 9.17
C HIS A 252 25.57 10.75 10.17
N ASP A 253 26.36 11.30 11.09
CA ASP A 253 27.02 10.50 12.11
C ASP A 253 26.03 9.75 12.98
N PRO A 254 26.24 8.43 13.17
CA PRO A 254 25.33 7.61 13.98
C PRO A 254 25.17 8.11 15.42
N ARG A 255 26.13 8.87 15.93
CA ARG A 255 26.03 9.38 17.29
C ARG A 255 24.79 10.25 17.49
N TYR A 256 24.32 10.90 16.43
CA TYR A 256 23.10 11.70 16.55
C TYR A 256 21.92 10.83 16.97
N LEU A 257 21.93 9.56 16.58
CA LEU A 257 20.82 8.65 16.89
C LEU A 257 20.83 8.32 18.36
N HIS A 258 22.04 8.19 18.89
CA HIS A 258 22.22 7.94 20.31
C HIS A 258 21.66 9.13 21.09
N ASP A 259 21.97 10.34 20.63
CA ASP A 259 21.43 11.55 21.25
C ASP A 259 19.90 11.61 21.16
N LEU A 260 19.32 11.32 19.99
CA LEU A 260 17.85 11.31 19.87
C LEU A 260 17.21 10.34 20.84
N ARG A 261 17.80 9.15 20.95
CA ARG A 261 17.26 8.13 21.86
C ARG A 261 17.25 8.66 23.29
N ASP A 262 18.33 9.32 23.68
CA ASP A 262 18.47 9.88 25.03
C ASP A 262 17.46 11.01 25.27
N ILE A 263 17.35 11.93 24.31
CA ILE A 263 16.44 13.07 24.41
C ILE A 263 15.01 12.57 24.50
N CYS A 264 14.66 11.64 23.62
CA CYS A 264 13.30 11.11 23.60
C CYS A 264 12.94 10.40 24.90
N ARG A 265 13.90 9.69 25.47
N ARG A 265 13.90 9.67 25.47
CA ARG A 265 13.70 8.98 26.72
CA ARG A 265 13.68 8.99 26.74
C ARG A 265 13.43 9.94 27.88
C ARG A 265 13.39 9.98 27.86
N ARG A 266 14.25 10.98 27.97
CA ARG A 266 14.12 11.94 29.07
C ARG A 266 12.86 12.78 28.99
N TYR A 267 12.38 13.08 27.78
CA TYR A 267 11.20 13.94 27.65
C TYR A 267 9.92 13.19 27.29
N GLU A 268 9.97 11.87 27.35
CA GLU A 268 8.84 10.99 27.07
C GLU A 268 8.18 11.35 25.74
N VAL A 269 8.98 11.24 24.69
CA VAL A 269 8.52 11.40 23.33
C VAL A 269 8.95 10.11 22.64
N LEU A 270 8.04 9.46 21.92
CA LEU A 270 8.40 8.19 21.27
C LEU A 270 9.39 8.46 20.15
N LEU A 271 10.25 7.48 19.89
CA LEU A 271 11.22 7.52 18.79
C LEU A 271 10.83 6.52 17.72
N ILE A 272 10.64 7.04 16.51
CA ILE A 272 10.31 6.23 15.34
C ILE A 272 11.44 6.28 14.32
N PHE A 273 11.98 5.12 13.97
CA PHE A 273 12.95 5.03 12.87
C PHE A 273 12.27 4.50 11.61
N ASP A 274 12.37 5.28 10.55
CA ASP A 274 11.92 4.85 9.23
C ASP A 274 13.12 4.19 8.53
N GLU A 275 13.16 2.87 8.55
CA GLU A 275 14.23 2.12 7.90
C GLU A 275 13.78 1.49 6.60
N ILE A 276 12.79 2.08 5.94
CA ILE A 276 12.27 1.50 4.71
C ILE A 276 13.35 1.50 3.62
N ALA A 277 14.23 2.50 3.59
CA ALA A 277 15.37 2.51 2.66
C ALA A 277 16.64 1.90 3.22
N THR A 278 16.84 2.01 4.53
CA THR A 278 18.14 1.65 5.12
C THR A 278 18.24 0.18 5.51
N GLY A 279 17.11 -0.51 5.57
CA GLY A 279 17.10 -1.85 6.12
C GLY A 279 17.81 -2.94 5.34
N PHE A 280 18.01 -4.07 6.01
CA PHE A 280 18.50 -5.28 5.36
C PHE A 280 19.86 -5.09 4.70
N GLY A 281 20.77 -4.48 5.46
CA GLY A 281 22.18 -4.44 5.08
C GLY A 281 22.66 -3.25 4.27
N ARG A 282 21.74 -2.41 3.80
CA ARG A 282 22.10 -1.44 2.75
C ARG A 282 23.18 -0.44 3.18
N THR A 283 23.20 -0.08 4.47
CA THR A 283 24.21 0.90 4.93
C THR A 283 25.41 0.23 5.58
N GLY A 284 25.52 -1.09 5.49
CA GLY A 284 26.67 -1.78 6.06
C GLY A 284 26.41 -2.45 7.40
N ALA A 285 25.29 -2.12 8.02
CA ALA A 285 24.79 -2.83 9.18
C ALA A 285 23.46 -3.43 8.80
N LEU A 286 22.96 -4.40 9.56
CA LEU A 286 21.73 -5.06 9.16
C LEU A 286 20.59 -4.05 9.13
N PHE A 287 20.54 -3.20 10.15
CA PHE A 287 19.67 -2.04 10.18
C PHE A 287 20.51 -0.85 10.57
N ALA A 288 20.19 0.32 10.02
CA ALA A 288 21.05 1.49 10.25
C ALA A 288 21.11 1.88 11.72
N ALA A 289 20.05 1.61 12.48
CA ALA A 289 20.05 1.86 13.92
C ALA A 289 21.21 1.13 14.61
N ASP A 290 21.64 0.02 14.03
CA ASP A 290 22.70 -0.81 14.62
C ASP A 290 24.04 -0.07 14.63
N HIS A 291 24.22 0.91 13.75
CA HIS A 291 25.45 1.70 13.76
C HIS A 291 25.59 2.50 15.04
N ALA A 292 24.47 2.74 15.72
CA ALA A 292 24.44 3.54 16.93
C ALA A 292 24.13 2.70 18.15
N GLY A 293 23.75 1.44 17.93
CA GLY A 293 23.31 0.56 19.00
C GLY A 293 21.98 0.97 19.61
N VAL A 294 21.18 1.71 18.84
CA VAL A 294 19.93 2.28 19.37
C VAL A 294 18.70 1.42 19.02
N SER A 295 17.74 1.36 19.94
CA SER A 295 16.43 0.80 19.64
C SER A 295 15.39 1.90 19.65
N PRO A 296 14.65 2.05 18.55
CA PRO A 296 13.51 2.96 18.58
C PRO A 296 12.31 2.28 19.27
N ASP A 297 11.27 3.05 19.57
CA ASP A 297 10.03 2.49 20.11
C ASP A 297 9.20 1.86 19.00
N ILE A 298 9.33 2.43 17.80
CA ILE A 298 8.58 1.99 16.62
C ILE A 298 9.52 2.04 15.42
N MET A 299 9.40 1.08 14.51
CA MET A 299 10.28 1.00 13.33
C MET A 299 9.49 0.57 12.10
N CYS A 300 9.80 1.21 10.97
CA CYS A 300 9.19 0.83 9.70
C CYS A 300 10.22 0.16 8.79
N VAL A 301 9.80 -0.92 8.14
CA VAL A 301 10.63 -1.55 7.10
C VAL A 301 9.81 -1.80 5.83
N GLY A 302 10.50 -1.93 4.71
CA GLY A 302 9.83 -2.19 3.44
C GLY A 302 10.90 -2.34 2.39
N LYS A 303 10.59 -1.90 1.17
CA LYS A 303 11.47 -1.98 0.00
C LYS A 303 12.23 -3.32 -0.09
N ALA A 304 13.44 -3.42 0.48
CA ALA A 304 14.23 -4.64 0.32
C ALA A 304 13.68 -5.84 1.11
N LEU A 305 12.68 -5.61 1.94
CA LEU A 305 12.02 -6.67 2.70
C LEU A 305 11.66 -7.90 1.86
N THR A 306 11.14 -7.68 0.65
CA THR A 306 10.73 -8.79 -0.21
C THR A 306 11.76 -9.15 -1.26
N GLY A 307 12.95 -8.56 -1.18
CA GLY A 307 13.94 -8.80 -2.21
C GLY A 307 13.52 -8.20 -3.54
N GLY A 308 12.57 -7.28 -3.48
CA GLY A 308 12.12 -6.59 -4.69
C GLY A 308 11.15 -7.36 -5.55
N TYR A 309 10.52 -8.40 -5.01
CA TYR A 309 9.54 -9.16 -5.79
C TYR A 309 8.13 -8.59 -5.76
N LEU A 310 7.70 -8.19 -4.57
CA LEU A 310 6.31 -7.85 -4.31
C LEU A 310 6.25 -6.73 -3.29
N SER A 311 5.19 -5.94 -3.31
CA SER A 311 5.03 -4.88 -2.32
CA SER A 311 5.04 -4.87 -2.31
C SER A 311 4.66 -5.47 -0.95
N LEU A 312 5.39 -5.04 0.09
CA LEU A 312 5.14 -5.44 1.46
C LEU A 312 5.88 -4.48 2.35
N ALA A 313 5.32 -4.24 3.54
CA ALA A 313 6.01 -3.44 4.53
C ALA A 313 5.61 -3.90 5.91
N ALA A 314 6.31 -3.44 6.92
CA ALA A 314 5.91 -3.77 8.28
C ALA A 314 6.22 -2.64 9.22
N THR A 315 5.41 -2.54 10.27
CA THR A 315 5.67 -1.61 11.35
C THR A 315 5.83 -2.42 12.63
N LEU A 316 6.98 -2.26 13.28
CA LEU A 316 7.26 -2.98 14.52
C LEU A 316 7.18 -2.02 15.68
N CYS A 317 6.71 -2.51 16.84
CA CYS A 317 6.78 -1.69 18.04
C CYS A 317 7.11 -2.54 19.26
N THR A 318 7.41 -1.86 20.36
CA THR A 318 7.69 -2.55 21.61
C THR A 318 6.43 -3.11 22.24
N ALA A 319 6.61 -4.06 23.16
CA ALA A 319 5.49 -4.60 23.92
C ALA A 319 4.73 -3.50 24.66
N ASP A 320 5.48 -2.57 25.25
CA ASP A 320 4.87 -1.48 26.02
C ASP A 320 4.03 -0.57 25.13
N VAL A 321 4.53 -0.25 23.94
CA VAL A 321 3.74 0.55 23.02
C VAL A 321 2.47 -0.22 22.64
N ALA A 322 2.62 -1.50 22.31
CA ALA A 322 1.48 -2.28 21.82
C ALA A 322 0.37 -2.39 22.87
N HIS A 323 0.77 -2.60 24.12
CA HIS A 323 -0.23 -2.76 25.16
CA HIS A 323 -0.18 -2.73 25.23
C HIS A 323 -0.88 -1.42 25.54
N THR A 324 -0.11 -0.35 25.57
CA THR A 324 -0.62 0.96 25.94
C THR A 324 -1.58 1.52 24.89
N ILE A 325 -1.39 1.11 23.63
CA ILE A 325 -2.22 1.59 22.53
C ILE A 325 -3.69 1.30 22.77
N SER A 326 -3.98 0.22 23.49
N SER A 326 -3.99 0.21 23.48
CA SER A 326 -5.36 -0.12 23.80
CA SER A 326 -5.37 -0.11 23.80
C SER A 326 -5.68 0.05 25.29
C SER A 326 -5.68 0.05 25.29
N ALA A 327 -4.85 0.82 25.99
CA ALA A 327 -5.11 1.14 27.41
C ALA A 327 -6.12 2.28 27.50
N GLY A 328 -6.50 2.65 28.72
CA GLY A 328 -7.52 3.68 28.90
C GLY A 328 -8.76 3.39 28.07
N ALA A 329 -9.22 4.40 27.33
CA ALA A 329 -10.40 4.25 26.50
C ALA A 329 -10.05 4.16 25.01
N ALA A 330 -8.78 3.94 24.70
CA ALA A 330 -8.30 4.06 23.33
C ALA A 330 -8.77 2.93 22.42
N GLY A 331 -8.94 1.73 22.98
CA GLY A 331 -9.47 0.60 22.24
C GLY A 331 -8.52 0.01 21.21
N ALA A 332 -9.08 -0.75 20.28
CA ALA A 332 -8.31 -1.44 19.25
C ALA A 332 -7.57 -0.49 18.31
N LEU A 333 -6.47 -0.95 17.75
CA LEU A 333 -5.80 -0.22 16.67
C LEU A 333 -6.60 -0.42 15.39
N MET A 334 -7.26 0.63 14.93
CA MET A 334 -8.21 0.47 13.83
C MET A 334 -7.51 0.66 12.50
N HIS A 335 -6.75 -0.37 12.15
CA HIS A 335 -6.08 -0.43 10.85
C HIS A 335 -6.11 -1.89 10.41
N GLY A 336 -6.29 -2.13 9.12
CA GLY A 336 -6.46 -3.49 8.63
C GLY A 336 -6.46 -3.58 7.12
N PRO A 337 -5.26 -3.48 6.52
CA PRO A 337 -5.16 -3.53 5.05
C PRO A 337 -5.75 -4.82 4.50
N THR A 338 -6.49 -4.73 3.39
CA THR A 338 -7.16 -5.89 2.84
C THR A 338 -6.21 -7.06 2.68
N PHE A 339 -5.01 -6.77 2.17
CA PHE A 339 -4.06 -7.86 1.87
C PHE A 339 -3.00 -7.99 2.95
N MET A 340 -3.34 -7.53 4.16
CA MET A 340 -2.46 -7.64 5.30
C MET A 340 -1.85 -9.04 5.43
N ALA A 341 -0.53 -9.08 5.58
CA ALA A 341 0.23 -10.33 5.77
C ALA A 341 0.02 -11.33 4.64
N ASN A 342 -0.15 -10.83 3.42
CA ASN A 342 -0.28 -11.65 2.23
C ASN A 342 0.72 -12.83 2.20
N PRO A 343 0.20 -14.06 2.19
CA PRO A 343 1.08 -15.24 2.17
C PRO A 343 2.16 -15.22 1.08
N LEU A 344 1.83 -14.84 -0.15
CA LEU A 344 2.86 -14.82 -1.21
C LEU A 344 3.96 -13.84 -0.89
N ALA A 345 3.61 -12.61 -0.53
CA ALA A 345 4.62 -11.63 -0.19
C ALA A 345 5.43 -12.03 1.03
N CYS A 346 4.75 -12.56 2.04
CA CYS A 346 5.46 -12.98 3.24
C CYS A 346 6.42 -14.12 2.96
N ALA A 347 6.00 -15.07 2.13
CA ALA A 347 6.83 -16.24 1.83
C ALA A 347 8.11 -15.84 1.10
N VAL A 348 8.02 -14.91 0.15
N VAL A 348 8.01 -14.93 0.14
CA VAL A 348 9.21 -14.51 -0.58
CA VAL A 348 9.22 -14.49 -0.56
C VAL A 348 10.12 -13.61 0.28
C VAL A 348 10.13 -13.71 0.38
N SER A 349 9.52 -12.87 1.22
CA SER A 349 10.29 -12.11 2.21
CA SER A 349 10.27 -12.11 2.21
C SER A 349 11.06 -13.01 3.16
N VAL A 350 10.43 -14.08 3.63
CA VAL A 350 11.11 -15.05 4.49
C VAL A 350 12.36 -15.58 3.78
N ALA A 351 12.21 -15.95 2.52
CA ALA A 351 13.32 -16.49 1.74
C ALA A 351 14.40 -15.43 1.54
N SER A 352 13.98 -14.21 1.26
CA SER A 352 14.94 -13.14 1.04
C SER A 352 15.74 -12.83 2.30
N VAL A 353 15.05 -12.79 3.44
CA VAL A 353 15.72 -12.50 4.69
C VAL A 353 16.63 -13.65 5.09
N GLU A 354 16.16 -14.89 4.94
CA GLU A 354 16.99 -16.06 5.25
C GLU A 354 18.22 -16.14 4.34
N LEU A 355 18.06 -15.74 3.08
CA LEU A 355 19.19 -15.74 2.15
C LEU A 355 20.25 -14.72 2.56
N LEU A 356 19.80 -13.56 3.03
CA LEU A 356 20.70 -12.54 3.52
C LEU A 356 21.46 -13.00 4.77
N LEU A 357 20.74 -13.57 5.72
CA LEU A 357 21.33 -13.91 7.01
C LEU A 357 22.24 -15.13 6.89
N GLY A 358 21.99 -15.95 5.88
CA GLY A 358 22.70 -17.22 5.71
C GLY A 358 24.04 -17.08 5.02
N GLN A 359 24.38 -15.86 4.63
CA GLN A 359 25.69 -15.58 4.04
C GLN A 359 26.41 -14.53 4.88
N ASP A 360 27.69 -14.32 4.59
CA ASP A 360 28.46 -13.29 5.27
C ASP A 360 28.14 -11.95 4.62
N TRP A 361 26.95 -11.44 4.90
CA TRP A 361 26.50 -10.21 4.28
C TRP A 361 27.36 -9.01 4.67
N ARG A 362 27.92 -9.02 5.89
CA ARG A 362 28.68 -7.86 6.36
C ARG A 362 29.93 -7.70 5.51
N THR A 363 30.62 -8.80 5.24
CA THR A 363 31.78 -8.77 4.37
C THR A 363 31.42 -8.37 2.95
N ARG A 364 30.30 -8.90 2.43
CA ARG A 364 29.85 -8.58 1.09
C ARG A 364 29.64 -7.07 0.92
N ILE A 365 28.91 -6.46 1.87
N ILE A 365 28.93 -6.44 1.85
CA ILE A 365 28.63 -5.04 1.78
CA ILE A 365 28.64 -5.02 1.73
C ILE A 365 29.92 -4.22 1.91
C ILE A 365 29.89 -4.17 1.97
N THR A 366 30.81 -4.67 2.80
CA THR A 366 32.09 -4.01 2.97
C THR A 366 32.86 -4.01 1.64
N GLU A 367 32.84 -5.15 0.94
CA GLU A 367 33.49 -5.24 -0.37
C GLU A 367 32.81 -4.34 -1.41
N LEU A 368 31.50 -4.28 -1.38
N LEU A 368 31.50 -4.26 -1.35
CA LEU A 368 30.74 -3.40 -2.26
CA LEU A 368 30.75 -3.42 -2.28
C LEU A 368 31.10 -1.94 -2.03
C LEU A 368 31.04 -1.93 -2.03
N ALA A 369 31.10 -1.53 -0.76
CA ALA A 369 31.44 -0.16 -0.39
C ALA A 369 32.85 0.21 -0.88
N ALA A 370 33.80 -0.70 -0.72
CA ALA A 370 35.16 -0.44 -1.17
C ALA A 370 35.22 -0.30 -2.69
N GLY A 371 34.43 -1.12 -3.40
CA GLY A 371 34.35 -1.02 -4.85
C GLY A 371 33.77 0.30 -5.31
N LEU A 372 32.74 0.77 -4.61
CA LEU A 372 32.10 2.03 -4.95
C LEU A 372 33.07 3.19 -4.69
N THR A 373 33.74 3.14 -3.55
CA THR A 373 34.68 4.17 -3.18
C THR A 373 35.82 4.26 -4.20
N ALA A 374 36.40 3.11 -4.53
CA ALA A 374 37.51 3.09 -5.47
C ALA A 374 37.06 3.58 -6.85
N GLY A 375 35.88 3.14 -7.27
CA GLY A 375 35.39 3.45 -8.60
C GLY A 375 34.93 4.87 -8.81
N LEU A 376 34.50 5.53 -7.73
CA LEU A 376 33.97 6.87 -7.83
C LEU A 376 35.01 7.95 -7.55
N ASP A 377 36.20 7.54 -7.14
CA ASP A 377 37.18 8.53 -6.69
C ASP A 377 37.55 9.57 -7.76
N THR A 378 37.69 9.15 -9.02
CA THR A 378 38.07 10.12 -10.05
C THR A 378 36.98 11.16 -10.28
N ALA A 379 35.76 10.88 -9.82
CA ALA A 379 34.70 11.84 -10.04
C ALA A 379 34.91 13.12 -9.23
N ARG A 380 35.70 13.04 -8.15
N ARG A 380 35.71 13.02 -8.16
CA ARG A 380 35.90 14.18 -7.28
CA ARG A 380 35.95 14.13 -7.25
C ARG A 380 36.52 15.35 -8.04
C ARG A 380 36.63 15.31 -7.95
N ALA A 381 37.36 15.02 -9.01
CA ALA A 381 38.10 16.05 -9.74
C ALA A 381 37.34 16.64 -10.92
N LEU A 382 36.15 16.11 -11.20
CA LEU A 382 35.35 16.61 -12.31
C LEU A 382 34.79 17.99 -11.98
N PRO A 383 34.65 18.86 -13.00
CA PRO A 383 34.28 20.26 -12.73
C PRO A 383 32.86 20.45 -12.20
N ALA A 384 31.93 19.57 -12.52
CA ALA A 384 30.55 19.75 -12.07
C ALA A 384 30.25 18.95 -10.81
N VAL A 385 31.28 18.36 -10.22
CA VAL A 385 31.05 17.50 -9.06
C VAL A 385 31.38 18.23 -7.74
N THR A 386 30.41 18.28 -6.83
CA THR A 386 30.63 18.97 -5.56
CA THR A 386 30.55 18.96 -5.55
C THR A 386 30.97 18.02 -4.42
N ASP A 387 30.52 16.77 -4.48
CA ASP A 387 30.87 15.79 -3.46
C ASP A 387 30.78 14.39 -4.01
N VAL A 388 31.59 13.50 -3.46
CA VAL A 388 31.47 12.07 -3.72
C VAL A 388 31.42 11.37 -2.36
N ARG A 389 30.43 10.51 -2.13
CA ARG A 389 30.31 9.88 -0.82
C ARG A 389 29.72 8.48 -0.93
N VAL A 390 30.14 7.62 -0.01
CA VAL A 390 29.75 6.22 0.00
C VAL A 390 29.40 5.80 1.42
N CYS A 391 28.31 5.05 1.56
CA CYS A 391 27.92 4.45 2.83
C CYS A 391 27.35 3.06 2.56
N GLY A 392 28.09 2.03 2.96
CA GLY A 392 27.69 0.68 2.62
C GLY A 392 27.50 0.51 1.11
N ALA A 393 26.36 -0.04 0.72
CA ALA A 393 26.13 -0.25 -0.70
C ALA A 393 25.33 0.90 -1.31
N ILE A 394 25.76 2.12 -0.99
CA ILE A 394 25.21 3.35 -1.54
C ILE A 394 26.37 4.22 -2.02
N GLY A 395 26.37 4.61 -3.30
CA GLY A 395 27.45 5.43 -3.83
C GLY A 395 26.84 6.64 -4.48
N VAL A 396 27.35 7.82 -4.14
CA VAL A 396 26.74 9.08 -4.56
C VAL A 396 27.74 10.07 -5.14
N ILE A 397 27.44 10.59 -6.32
CA ILE A 397 28.11 11.76 -6.86
C ILE A 397 27.13 12.92 -6.80
N GLU A 398 27.43 13.92 -6.00
CA GLU A 398 26.59 15.11 -5.92
C GLU A 398 27.12 16.15 -6.90
N CYS A 399 26.25 16.66 -7.77
CA CYS A 399 26.66 17.58 -8.82
C CYS A 399 26.28 19.03 -8.49
N ASP A 400 26.83 19.95 -9.28
CA ASP A 400 26.63 21.38 -9.01
C ASP A 400 25.39 21.95 -9.71
N ARG A 401 24.60 21.06 -10.30
CA ARG A 401 23.38 21.45 -11.00
C ARG A 401 22.45 20.23 -11.09
N PRO A 402 21.14 20.47 -11.31
CA PRO A 402 20.26 19.32 -11.56
C PRO A 402 20.73 18.49 -12.74
N VAL A 403 20.64 17.17 -12.61
CA VAL A 403 21.07 16.28 -13.67
C VAL A 403 19.98 16.15 -14.73
N ASP A 404 20.33 16.45 -15.98
CA ASP A 404 19.40 16.35 -17.09
C ASP A 404 19.24 14.90 -17.52
N LEU A 405 18.07 14.31 -17.29
CA LEU A 405 17.88 12.89 -17.63
C LEU A 405 18.00 12.61 -19.12
N ALA A 406 17.73 13.61 -19.95
CA ALA A 406 17.81 13.43 -21.39
C ALA A 406 19.25 13.21 -21.85
N VAL A 407 20.18 13.70 -21.04
CA VAL A 407 21.61 13.48 -21.27
C VAL A 407 22.11 12.25 -20.53
N ALA A 408 21.70 12.13 -19.27
CA ALA A 408 22.23 11.08 -18.40
C ALA A 408 21.79 9.69 -18.81
N THR A 409 20.52 9.55 -19.22
CA THR A 409 19.98 8.22 -19.51
C THR A 409 20.66 7.55 -20.71
N PRO A 410 20.75 8.22 -21.88
CA PRO A 410 21.48 7.60 -22.99
C PRO A 410 22.93 7.27 -22.64
N ALA A 411 23.57 8.16 -21.89
CA ALA A 411 24.99 8.00 -21.56
C ALA A 411 25.19 6.75 -20.73
N ALA A 412 24.29 6.53 -19.78
CA ALA A 412 24.39 5.34 -18.95
C ALA A 412 24.09 4.07 -19.75
N LEU A 413 23.02 4.09 -20.53
CA LEU A 413 22.63 2.93 -21.33
C LEU A 413 23.72 2.58 -22.34
N ASP A 414 24.35 3.59 -22.91
CA ASP A 414 25.48 3.41 -23.84
C ASP A 414 26.63 2.64 -23.18
N ARG A 415 26.67 2.68 -21.85
CA ARG A 415 27.75 2.00 -21.13
CA ARG A 415 27.73 2.06 -21.06
C ARG A 415 27.23 0.80 -20.35
N GLY A 416 26.05 0.34 -20.73
CA GLY A 416 25.44 -0.89 -20.23
C GLY A 416 24.96 -0.83 -18.80
N VAL A 417 24.49 0.34 -18.39
CA VAL A 417 24.08 0.51 -16.99
C VAL A 417 22.76 1.28 -16.93
N TRP A 418 21.83 0.78 -16.14
CA TRP A 418 20.63 1.55 -15.82
C TRP A 418 20.87 2.42 -14.58
N LEU A 419 20.90 3.74 -14.78
CA LEU A 419 20.97 4.73 -13.71
C LEU A 419 19.74 5.60 -13.77
N ARG A 420 19.23 6.00 -12.61
CA ARG A 420 18.13 6.95 -12.56
C ARG A 420 18.50 8.06 -11.58
N PRO A 421 19.16 9.10 -12.10
CA PRO A 421 19.45 10.28 -11.25
C PRO A 421 18.16 10.93 -10.78
N PHE A 422 18.25 11.67 -9.67
CA PHE A 422 17.20 12.63 -9.37
C PHE A 422 17.86 13.86 -8.80
N ARG A 423 17.19 15.00 -8.94
N ARG A 423 17.18 15.00 -8.90
CA ARG A 423 17.76 16.30 -8.60
CA ARG A 423 17.76 16.27 -8.48
C ARG A 423 19.19 16.40 -9.12
C ARG A 423 19.16 16.42 -9.08
N ASN A 424 20.14 16.72 -8.23
CA ASN A 424 21.53 16.87 -8.65
C ASN A 424 22.40 15.66 -8.32
N LEU A 425 21.77 14.50 -8.20
CA LEU A 425 22.47 13.30 -7.71
C LEU A 425 22.60 12.22 -8.78
N VAL A 426 23.83 11.78 -8.99
CA VAL A 426 24.08 10.58 -9.77
C VAL A 426 24.47 9.50 -8.77
N TYR A 427 23.65 8.48 -8.59
CA TYR A 427 23.90 7.57 -7.50
C TYR A 427 23.54 6.14 -7.84
N ALA A 428 24.06 5.22 -7.04
CA ALA A 428 23.74 3.82 -7.24
C ALA A 428 23.48 3.14 -5.92
N MET A 429 22.53 2.20 -5.93
CA MET A 429 22.30 1.33 -4.81
C MET A 429 22.21 -0.08 -5.38
N PRO A 430 23.37 -0.66 -5.68
CA PRO A 430 23.40 -1.89 -6.49
C PRO A 430 23.01 -3.17 -5.74
N PRO A 431 22.57 -4.21 -6.49
CA PRO A 431 22.30 -5.52 -5.88
C PRO A 431 23.53 -6.05 -5.16
N TYR A 432 23.32 -6.79 -4.07
CA TYR A 432 24.44 -7.27 -3.26
C TYR A 432 25.21 -8.33 -4.03
N ILE A 433 24.58 -8.92 -5.04
CA ILE A 433 25.20 -9.97 -5.83
C ILE A 433 26.12 -9.46 -6.94
N CYS A 434 26.25 -8.14 -7.08
CA CYS A 434 27.14 -7.58 -8.10
C CYS A 434 28.59 -8.00 -7.86
N THR A 435 29.25 -8.48 -8.91
CA THR A 435 30.66 -8.81 -8.81
C THR A 435 31.48 -7.54 -8.77
N PRO A 436 32.75 -7.63 -8.33
CA PRO A 436 33.60 -6.44 -8.39
C PRO A 436 33.68 -5.82 -9.79
N ALA A 437 33.73 -6.64 -10.85
CA ALA A 437 33.77 -6.11 -12.20
C ALA A 437 32.49 -5.34 -12.51
N GLU A 438 31.36 -5.84 -12.02
CA GLU A 438 30.09 -5.17 -12.29
C GLU A 438 29.98 -3.86 -11.53
N ILE A 439 30.49 -3.83 -10.31
CA ILE A 439 30.52 -2.58 -9.54
C ILE A 439 31.37 -1.53 -10.26
N THR A 440 32.52 -1.95 -10.79
N THR A 440 32.52 -1.94 -10.79
CA THR A 440 33.38 -1.00 -11.48
CA THR A 440 33.36 -0.99 -11.51
C THR A 440 32.74 -0.54 -12.80
C THR A 440 32.71 -0.52 -12.80
N GLN A 441 31.96 -1.40 -13.45
CA GLN A 441 31.20 -1.01 -14.63
C GLN A 441 30.19 0.07 -14.25
N ILE A 442 29.54 -0.13 -13.11
CA ILE A 442 28.54 0.83 -12.64
C ILE A 442 29.17 2.17 -12.29
N THR A 443 30.26 2.15 -11.53
CA THR A 443 30.92 3.39 -11.13
C THR A 443 31.50 4.11 -12.35
N SER A 444 32.01 3.35 -13.33
CA SER A 444 32.54 3.98 -14.53
CA SER A 444 32.55 3.97 -14.54
C SER A 444 31.44 4.72 -15.29
N ALA A 445 30.27 4.10 -15.38
CA ALA A 445 29.15 4.76 -16.03
C ALA A 445 28.73 6.02 -15.26
N MET A 446 28.74 5.94 -13.93
CA MET A 446 28.38 7.11 -13.11
C MET A 446 29.34 8.27 -13.33
N VAL A 447 30.64 7.96 -13.40
CA VAL A 447 31.67 8.97 -13.63
C VAL A 447 31.46 9.62 -14.99
N GLU A 448 31.13 8.81 -15.98
CA GLU A 448 30.92 9.35 -17.33
C GLU A 448 29.64 10.18 -17.42
N VAL A 449 28.59 9.81 -16.69
CA VAL A 449 27.40 10.66 -16.61
C VAL A 449 27.75 12.00 -15.98
N ALA A 450 28.53 11.97 -14.92
CA ALA A 450 28.94 13.20 -14.23
C ALA A 450 29.83 14.07 -15.12
N ARG A 451 30.70 13.44 -15.91
CA ARG A 451 31.53 14.20 -16.85
C ARG A 451 30.66 14.98 -17.84
N LEU A 452 29.56 14.37 -18.25
CA LEU A 452 28.66 15.03 -19.21
C LEU A 452 27.81 16.13 -18.58
N VAL A 453 27.58 16.05 -17.28
CA VAL A 453 26.84 17.12 -16.60
C VAL A 453 27.58 18.45 -16.71
N GLY A 454 28.90 18.37 -16.57
CA GLY A 454 29.77 19.54 -16.65
C GLY A 454 30.31 19.80 -18.04
N SER A 455 29.86 19.01 -19.01
CA SER A 455 30.08 19.29 -20.42
C SER A 455 28.86 20.06 -20.93
N LEU A 456 28.96 20.61 -22.14
CA LEU A 456 27.88 21.42 -22.69
C LEU A 456 26.60 20.61 -22.87
N LEU B 28 6.41 -25.07 10.10
CA LEU B 28 5.80 -24.89 11.41
C LEU B 28 4.50 -25.69 11.56
N THR B 29 4.30 -26.26 12.74
CA THR B 29 3.04 -26.90 13.07
C THR B 29 2.02 -25.82 13.40
N PRO B 30 0.72 -26.15 13.31
CA PRO B 30 -0.30 -25.20 13.74
C PRO B 30 -0.10 -24.65 15.14
N GLU B 31 0.31 -25.48 16.09
CA GLU B 31 0.49 -24.97 17.46
C GLU B 31 1.70 -24.02 17.54
N GLN B 32 2.72 -24.26 16.73
CA GLN B 32 3.86 -23.35 16.67
C GLN B 32 3.45 -22.01 16.06
N ILE B 33 2.61 -22.07 15.04
CA ILE B 33 2.08 -20.87 14.39
C ILE B 33 1.27 -20.04 15.39
N ILE B 34 0.44 -20.72 16.18
N ILE B 34 0.45 -20.73 16.19
CA ILE B 34 -0.39 -20.05 17.18
CA ILE B 34 -0.40 -20.06 17.18
C ILE B 34 0.46 -19.35 18.23
C ILE B 34 0.45 -19.36 18.24
N ALA B 35 1.54 -20.00 18.65
CA ALA B 35 2.43 -19.44 19.68
C ALA B 35 3.14 -18.18 19.17
N VAL B 36 3.70 -18.26 17.98
CA VAL B 36 4.35 -17.12 17.35
C VAL B 36 3.36 -15.98 17.13
N ASP B 37 2.19 -16.33 16.60
CA ASP B 37 1.15 -15.36 16.31
C ASP B 37 0.72 -14.62 17.57
N GLY B 38 0.51 -15.36 18.66
CA GLY B 38 0.09 -14.74 19.90
C GLY B 38 1.12 -13.80 20.49
N ALA B 39 2.40 -14.12 20.30
CA ALA B 39 3.49 -13.32 20.85
C ALA B 39 3.80 -12.10 20.00
N HIS B 40 3.62 -12.20 18.69
CA HIS B 40 4.26 -11.22 17.81
C HIS B 40 3.40 -10.56 16.74
N LEU B 41 2.23 -11.12 16.42
CA LEU B 41 1.48 -10.62 15.26
C LEU B 41 0.28 -9.76 15.64
N TRP B 42 0.21 -8.57 15.06
N TRP B 42 0.27 -8.54 15.09
CA TRP B 42 -0.95 -7.72 15.26
CA TRP B 42 -0.91 -7.70 15.08
C TRP B 42 -1.95 -7.95 14.13
C TRP B 42 -1.92 -8.26 14.09
N HIS B 43 -3.18 -8.26 14.48
CA HIS B 43 -4.22 -8.56 13.51
C HIS B 43 -5.08 -7.32 13.28
N PRO B 44 -5.88 -7.31 12.19
CA PRO B 44 -6.66 -6.11 11.87
C PRO B 44 -7.63 -5.67 12.97
N TYR B 45 -7.70 -4.37 13.21
CA TYR B 45 -8.78 -3.78 14.01
C TYR B 45 -8.86 -4.38 15.38
N SER B 46 -7.71 -4.63 15.99
CA SER B 46 -7.69 -5.42 17.22
C SER B 46 -6.82 -4.85 18.30
N SER B 47 -7.01 -5.34 19.52
CA SER B 47 -6.20 -4.96 20.67
C SER B 47 -5.31 -6.13 20.98
N ILE B 48 -4.03 -6.03 20.65
CA ILE B 48 -3.15 -7.19 20.74
C ILE B 48 -3.01 -7.68 22.19
N GLY B 49 -3.21 -8.99 22.38
CA GLY B 49 -3.17 -9.59 23.70
C GLY B 49 -4.49 -9.49 24.46
N ARG B 50 -5.48 -8.83 23.88
CA ARG B 50 -6.75 -8.60 24.56
C ARG B 50 -7.96 -9.09 23.77
N GLU B 51 -7.72 -9.89 22.73
CA GLU B 51 -8.82 -10.36 21.90
C GLU B 51 -9.37 -11.71 22.40
N ALA B 52 -10.68 -11.78 22.52
CA ALA B 52 -11.34 -12.97 23.07
C ALA B 52 -11.26 -14.14 22.10
N VAL B 53 -11.44 -13.86 20.81
CA VAL B 53 -11.43 -14.90 19.79
C VAL B 53 -10.09 -14.92 19.07
N SER B 54 -9.29 -15.96 19.30
CA SER B 54 -7.95 -16.03 18.71
C SER B 54 -8.04 -16.43 17.23
N PRO B 55 -7.03 -16.02 16.44
CA PRO B 55 -7.11 -16.37 15.02
C PRO B 55 -7.05 -17.88 14.80
N VAL B 56 -7.74 -18.31 13.75
CA VAL B 56 -7.71 -19.70 13.32
C VAL B 56 -6.59 -19.90 12.30
N VAL B 57 -5.82 -20.97 12.45
CA VAL B 57 -4.73 -21.24 11.52
C VAL B 57 -5.26 -21.74 10.18
N ALA B 58 -4.87 -21.06 9.11
CA ALA B 58 -5.15 -21.52 7.76
C ALA B 58 -3.92 -22.20 7.18
N VAL B 59 -4.09 -23.39 6.61
CA VAL B 59 -2.93 -24.12 6.08
C VAL B 59 -2.99 -24.40 4.58
N ALA B 60 -4.12 -24.16 3.94
CA ALA B 60 -4.25 -24.26 2.50
C ALA B 60 -5.47 -23.50 2.01
N ALA B 61 -5.49 -23.20 0.71
CA ALA B 61 -6.69 -22.65 0.08
C ALA B 61 -6.74 -23.13 -1.35
N HIS B 62 -7.91 -23.57 -1.80
CA HIS B 62 -8.05 -24.00 -3.19
C HIS B 62 -9.49 -23.90 -3.64
N GLY B 63 -9.71 -23.28 -4.79
CA GLY B 63 -11.06 -23.02 -5.26
C GLY B 63 -11.79 -22.17 -4.24
N ALA B 64 -13.03 -22.54 -3.95
CA ALA B 64 -13.83 -21.79 -3.00
C ALA B 64 -13.58 -22.19 -1.55
N TRP B 65 -12.59 -23.06 -1.31
CA TRP B 65 -12.41 -23.68 0.00
C TRP B 65 -11.09 -23.32 0.68
N LEU B 66 -11.15 -23.17 2.01
CA LEU B 66 -9.99 -23.02 2.86
C LEU B 66 -9.80 -24.29 3.68
N THR B 67 -8.56 -24.64 3.96
CA THR B 67 -8.28 -25.68 4.94
C THR B 67 -7.84 -25.01 6.22
N LEU B 68 -8.68 -25.14 7.25
CA LEU B 68 -8.44 -24.50 8.53
C LEU B 68 -8.21 -25.54 9.61
N ILE B 69 -7.53 -25.14 10.68
CA ILE B 69 -7.25 -26.03 11.80
C ILE B 69 -8.26 -25.83 12.91
N ARG B 70 -9.02 -26.88 13.19
CA ARG B 70 -9.96 -26.87 14.30
CA ARG B 70 -9.98 -26.87 14.29
C ARG B 70 -9.60 -27.99 15.26
N ASP B 71 -9.27 -27.63 16.50
CA ASP B 71 -8.81 -28.62 17.49
C ASP B 71 -7.69 -29.50 16.96
N GLY B 72 -6.74 -28.90 16.26
CA GLY B 72 -5.56 -29.60 15.77
C GLY B 72 -5.75 -30.30 14.44
N GLN B 73 -7.00 -30.40 13.99
CA GLN B 73 -7.33 -31.14 12.77
C GLN B 73 -7.69 -30.25 11.59
N PRO B 74 -7.26 -30.65 10.38
CA PRO B 74 -7.52 -29.86 9.18
C PRO B 74 -8.91 -30.11 8.62
N ILE B 75 -9.69 -29.04 8.48
N ILE B 75 -9.68 -29.03 8.45
CA ILE B 75 -11.02 -29.15 7.91
CA ILE B 75 -11.04 -29.12 7.94
C ILE B 75 -11.14 -28.21 6.72
C ILE B 75 -11.26 -28.15 6.78
N GLU B 76 -11.88 -28.63 5.72
CA GLU B 76 -12.17 -27.80 4.56
C GLU B 76 -13.47 -27.05 4.77
N VAL B 77 -13.43 -25.73 4.62
CA VAL B 77 -14.63 -24.90 4.78
C VAL B 77 -14.71 -23.90 3.63
N LEU B 78 -15.92 -23.45 3.33
CA LEU B 78 -16.11 -22.53 2.21
C LEU B 78 -15.68 -21.12 2.59
N ASP B 79 -14.94 -20.49 1.69
CA ASP B 79 -14.52 -19.09 1.91
C ASP B 79 -15.67 -18.17 1.52
N ALA B 80 -16.63 -18.05 2.43
CA ALA B 80 -17.85 -17.31 2.12
C ALA B 80 -17.61 -15.81 1.98
N MET B 81 -16.44 -15.36 2.42
CA MET B 81 -16.08 -13.95 2.44
C MET B 81 -15.22 -13.57 1.23
N SER B 82 -14.86 -14.58 0.44
N SER B 82 -14.88 -14.60 0.45
CA SER B 82 -13.87 -14.42 -0.62
CA SER B 82 -13.86 -14.54 -0.59
C SER B 82 -12.60 -13.75 -0.12
C SER B 82 -12.63 -13.76 -0.11
N SER B 83 -12.23 -14.03 1.13
CA SER B 83 -11.05 -13.43 1.75
C SER B 83 -11.09 -11.91 1.62
N TRP B 84 -12.09 -11.34 2.29
CA TRP B 84 -12.37 -9.90 2.29
C TRP B 84 -12.59 -9.40 0.86
N TRP B 85 -13.39 -10.17 0.12
CA TRP B 85 -14.06 -9.72 -1.10
C TRP B 85 -13.08 -9.64 -2.29
N THR B 86 -12.04 -10.46 -2.26
CA THR B 86 -11.00 -10.42 -3.28
C THR B 86 -10.99 -11.64 -4.21
N ALA B 87 -11.31 -12.80 -3.66
CA ALA B 87 -11.08 -14.07 -4.37
C ALA B 87 -12.24 -14.46 -5.28
N ILE B 88 -12.51 -13.64 -6.28
CA ILE B 88 -13.73 -13.80 -7.09
C ILE B 88 -13.70 -15.07 -7.93
N HIS B 89 -12.50 -15.53 -8.30
CA HIS B 89 -12.37 -16.77 -9.09
C HIS B 89 -11.94 -17.93 -8.22
N GLY B 90 -11.98 -17.75 -6.90
CA GLY B 90 -11.44 -18.73 -5.98
C GLY B 90 -9.93 -18.69 -5.87
N HIS B 91 -9.40 -19.48 -4.94
CA HIS B 91 -7.96 -19.56 -4.71
C HIS B 91 -7.30 -20.56 -5.66
N GLY B 92 -6.08 -20.27 -6.07
CA GLY B 92 -5.34 -21.22 -6.91
C GLY B 92 -6.05 -21.59 -8.20
N HIS B 93 -6.70 -20.63 -8.83
CA HIS B 93 -7.30 -20.87 -10.14
C HIS B 93 -6.16 -21.11 -11.12
N PRO B 94 -6.25 -22.18 -11.92
CA PRO B 94 -5.10 -22.50 -12.79
C PRO B 94 -4.67 -21.37 -13.73
N ALA B 95 -5.60 -20.58 -14.26
CA ALA B 95 -5.26 -19.52 -15.21
C ALA B 95 -4.50 -18.40 -14.53
N LEU B 96 -4.87 -18.13 -13.27
N LEU B 96 -4.87 -18.11 -13.28
CA LEU B 96 -4.25 -17.05 -12.52
CA LEU B 96 -4.22 -17.02 -12.56
C LEU B 96 -2.90 -17.48 -11.97
C LEU B 96 -2.88 -17.50 -11.99
N ASP B 97 -2.84 -18.73 -11.49
CA ASP B 97 -1.58 -19.34 -11.07
C ASP B 97 -0.56 -19.32 -12.22
N GLN B 98 -1.00 -19.75 -13.40
N GLN B 98 -1.00 -19.76 -13.39
CA GLN B 98 -0.08 -19.84 -14.55
CA GLN B 98 -0.12 -19.84 -14.54
C GLN B 98 0.35 -18.48 -15.08
C GLN B 98 0.38 -18.46 -14.95
N ALA B 99 -0.49 -17.46 -14.89
CA ALA B 99 -0.12 -16.11 -15.31
C ALA B 99 1.01 -15.59 -14.43
N LEU B 100 0.91 -15.85 -13.14
CA LEU B 100 1.92 -15.45 -12.18
C LEU B 100 3.23 -16.17 -12.45
N THR B 101 3.17 -17.49 -12.62
N THR B 101 3.15 -17.50 -12.60
CA THR B 101 4.40 -18.25 -12.81
CA THR B 101 4.31 -18.36 -12.85
C THR B 101 5.06 -17.92 -14.14
C THR B 101 5.04 -17.97 -14.13
N THR B 102 4.26 -17.63 -15.15
CA THR B 102 4.83 -17.21 -16.45
C THR B 102 5.61 -15.91 -16.32
N GLN B 103 5.03 -14.93 -15.64
CA GLN B 103 5.70 -13.65 -15.46
C GLN B 103 6.95 -13.79 -14.61
N LEU B 104 6.89 -14.64 -13.59
CA LEU B 104 8.01 -14.84 -12.69
C LEU B 104 9.28 -15.32 -13.42
N ARG B 105 9.11 -16.11 -14.48
N ARG B 105 9.09 -16.12 -14.47
N ARG B 105 9.09 -16.14 -14.45
CA ARG B 105 10.26 -16.63 -15.23
CA ARG B 105 10.21 -16.68 -15.21
CA ARG B 105 10.23 -16.73 -15.16
C ARG B 105 10.83 -15.63 -16.23
C ARG B 105 10.88 -15.69 -16.15
C ARG B 105 10.98 -15.69 -15.99
N VAL B 106 10.18 -14.48 -16.36
N VAL B 106 10.28 -14.52 -16.32
CA VAL B 106 10.62 -13.46 -17.31
CA VAL B 106 10.86 -13.54 -17.22
C VAL B 106 11.13 -12.20 -16.61
C VAL B 106 11.22 -12.22 -16.52
N MET B 107 10.33 -11.68 -15.68
CA MET B 107 10.64 -10.40 -15.02
C MET B 107 9.77 -10.20 -13.80
N ASN B 108 10.35 -10.36 -12.61
CA ASN B 108 9.56 -10.23 -11.39
C ASN B 108 9.10 -8.79 -11.16
N HIS B 109 10.03 -7.86 -11.30
CA HIS B 109 9.73 -6.45 -11.01
C HIS B 109 10.83 -5.56 -11.55
N VAL B 110 10.45 -4.40 -12.08
CA VAL B 110 11.41 -3.33 -12.37
C VAL B 110 10.77 -2.03 -11.89
N MET B 111 11.58 -1.00 -11.64
CA MET B 111 11.04 0.28 -11.18
C MET B 111 10.28 0.98 -12.30
N PHE B 112 9.15 1.59 -11.94
CA PHE B 112 8.32 2.27 -12.94
C PHE B 112 8.78 3.69 -13.18
N GLY B 113 9.78 4.14 -12.43
CA GLY B 113 10.42 5.42 -12.66
C GLY B 113 11.44 5.32 -13.78
N GLY B 114 10.98 5.56 -15.00
CA GLY B 114 11.86 5.55 -16.16
C GLY B 114 11.67 4.36 -17.07
N LEU B 115 10.97 3.33 -16.57
CA LEU B 115 10.79 2.09 -17.33
C LEU B 115 9.31 1.78 -17.48
N THR B 116 8.93 1.05 -18.54
CA THR B 116 7.59 0.51 -18.60
C THR B 116 7.66 -0.94 -19.05
N HIS B 117 6.52 -1.62 -19.09
CA HIS B 117 6.54 -3.06 -19.36
C HIS B 117 5.18 -3.58 -19.77
N GLU B 118 5.19 -4.80 -20.30
CA GLU B 118 4.01 -5.39 -20.91
C GLU B 118 2.85 -5.59 -19.93
N PRO B 119 3.12 -6.15 -18.73
CA PRO B 119 1.96 -6.30 -17.82
C PRO B 119 1.24 -4.99 -17.48
N ALA B 120 1.99 -3.90 -17.26
CA ALA B 120 1.34 -2.63 -16.97
C ALA B 120 0.51 -2.13 -18.14
N ALA B 121 1.06 -2.24 -19.36
CA ALA B 121 0.36 -1.79 -20.55
C ALA B 121 -0.91 -2.62 -20.78
N ARG B 122 -0.79 -3.94 -20.68
CA ARG B 122 -1.94 -4.83 -20.87
C ARG B 122 -3.04 -4.51 -19.86
N LEU B 123 -2.66 -4.35 -18.60
CA LEU B 123 -3.69 -4.08 -17.59
C LEU B 123 -4.30 -2.69 -17.76
N ALA B 124 -3.49 -1.68 -18.09
CA ALA B 124 -4.03 -0.34 -18.27
C ALA B 124 -5.03 -0.33 -19.41
N LYS B 125 -4.67 -0.98 -20.51
CA LYS B 125 -5.58 -1.08 -21.67
C LYS B 125 -6.90 -1.76 -21.31
N LEU B 126 -6.83 -2.86 -20.57
CA LEU B 126 -8.05 -3.53 -20.11
C LEU B 126 -8.90 -2.62 -19.25
N LEU B 127 -8.28 -1.95 -18.28
CA LEU B 127 -9.03 -1.14 -17.35
C LEU B 127 -9.70 0.05 -18.03
N VAL B 128 -9.01 0.70 -18.95
CA VAL B 128 -9.58 1.85 -19.65
CA VAL B 128 -9.62 1.86 -19.60
C VAL B 128 -10.76 1.39 -20.51
N ASP B 129 -10.63 0.21 -21.08
CA ASP B 129 -11.67 -0.30 -21.97
C ASP B 129 -12.97 -0.68 -21.26
N ILE B 130 -12.87 -1.26 -20.06
CA ILE B 130 -14.04 -1.82 -19.37
C ILE B 130 -14.67 -0.93 -18.29
N THR B 131 -13.98 0.15 -17.92
CA THR B 131 -14.52 1.07 -16.92
C THR B 131 -15.50 2.04 -17.59
N PRO B 132 -16.29 2.78 -16.78
CA PRO B 132 -17.24 3.74 -17.34
C PRO B 132 -16.58 4.73 -18.31
N ALA B 133 -17.35 5.17 -19.30
CA ALA B 133 -16.81 5.96 -20.40
C ALA B 133 -16.06 7.20 -19.93
N GLY B 134 -14.92 7.46 -20.55
CA GLY B 134 -14.20 8.70 -20.31
C GLY B 134 -12.96 8.57 -19.42
N LEU B 135 -12.81 7.43 -18.76
CA LEU B 135 -11.67 7.17 -17.88
C LEU B 135 -10.54 6.56 -18.71
N ASP B 136 -9.55 7.39 -19.06
CA ASP B 136 -8.54 6.96 -20.03
C ASP B 136 -7.11 6.99 -19.48
N THR B 137 -6.98 7.30 -18.20
CA THR B 137 -5.67 7.43 -17.58
C THR B 137 -5.63 6.59 -16.31
N VAL B 138 -4.55 5.82 -16.12
CA VAL B 138 -4.43 4.90 -14.98
C VAL B 138 -3.19 5.17 -14.16
N PHE B 139 -3.39 5.43 -12.87
CA PHE B 139 -2.28 5.52 -11.91
C PHE B 139 -2.30 4.30 -10.98
N PHE B 140 -1.31 3.42 -11.12
CA PHE B 140 -1.26 2.22 -10.29
C PHE B 140 -0.68 2.50 -8.91
N SER B 141 -1.21 1.81 -7.89
CA SER B 141 -0.62 1.84 -6.56
C SER B 141 -0.74 0.47 -5.91
N ASP B 142 -0.34 0.38 -4.65
CA ASP B 142 -0.22 -0.96 -4.08
CA ASP B 142 -0.13 -0.88 -3.96
C ASP B 142 -1.27 -1.31 -3.04
N SER B 143 -2.20 -0.39 -2.77
CA SER B 143 -3.33 -0.71 -1.91
C SER B 143 -4.48 0.25 -2.14
N GLY B 144 -5.67 -0.20 -1.72
CA GLY B 144 -6.87 0.57 -1.89
C GLY B 144 -6.80 1.92 -1.20
N SER B 145 -6.31 1.94 0.03
CA SER B 145 -6.25 3.21 0.76
C SER B 145 -5.33 4.19 0.05
N VAL B 146 -4.23 3.70 -0.50
CA VAL B 146 -3.35 4.60 -1.23
C VAL B 146 -4.06 5.12 -2.49
N SER B 147 -4.82 4.28 -3.17
CA SER B 147 -5.48 4.72 -4.39
C SER B 147 -6.51 5.82 -4.08
N VAL B 148 -7.10 5.77 -2.90
CA VAL B 148 -8.02 6.82 -2.47
C VAL B 148 -7.26 8.11 -2.17
N GLU B 149 -6.09 8.00 -1.53
CA GLU B 149 -5.27 9.19 -1.30
C GLU B 149 -4.80 9.78 -2.64
N VAL B 150 -4.47 8.93 -3.61
CA VAL B 150 -4.08 9.42 -4.93
C VAL B 150 -5.26 10.15 -5.60
N ALA B 151 -6.47 9.58 -5.48
CA ALA B 151 -7.68 10.22 -6.02
C ALA B 151 -7.89 11.60 -5.40
N ALA B 152 -7.73 11.71 -4.09
CA ALA B 152 -7.90 13.01 -3.42
C ALA B 152 -6.83 13.99 -3.89
N LYS B 153 -5.60 13.49 -4.02
CA LYS B 153 -4.50 14.35 -4.46
C LYS B 153 -4.77 14.85 -5.89
N MET B 154 -5.26 13.97 -6.76
CA MET B 154 -5.62 14.37 -8.13
C MET B 154 -6.67 15.47 -8.08
N ALA B 155 -7.69 15.27 -7.25
CA ALA B 155 -8.77 16.24 -7.18
C ALA B 155 -8.28 17.60 -6.67
N LEU B 156 -7.47 17.61 -5.62
CA LEU B 156 -6.98 18.88 -5.09
C LEU B 156 -6.05 19.54 -6.12
N GLN B 157 -5.19 18.74 -6.75
CA GLN B 157 -4.22 19.32 -7.67
C GLN B 157 -4.90 19.83 -8.95
N TYR B 158 -5.98 19.17 -9.35
CA TYR B 158 -6.82 19.62 -10.46
C TYR B 158 -7.27 21.06 -10.24
N TRP B 159 -7.84 21.34 -9.08
CA TRP B 159 -8.38 22.68 -8.85
C TRP B 159 -7.25 23.68 -8.68
N ARG B 160 -6.10 23.23 -8.21
CA ARG B 160 -4.93 24.09 -8.20
C ARG B 160 -4.55 24.45 -9.64
N GLY B 161 -4.68 23.49 -10.54
CA GLY B 161 -4.45 23.71 -11.97
C GLY B 161 -5.49 24.59 -12.63
N ARG B 162 -6.61 24.82 -11.95
CA ARG B 162 -7.65 25.71 -12.48
C ARG B 162 -7.56 27.08 -11.79
N GLY B 163 -6.55 27.25 -10.93
CA GLY B 163 -6.39 28.48 -10.19
C GLY B 163 -7.41 28.67 -9.09
N LEU B 164 -7.94 27.55 -8.57
CA LEU B 164 -8.91 27.60 -7.47
C LEU B 164 -8.46 26.78 -6.27
N PRO B 165 -7.38 27.19 -5.59
CA PRO B 165 -6.83 26.37 -4.50
C PRO B 165 -7.69 26.34 -3.24
N GLY B 166 -8.76 27.14 -3.21
CA GLY B 166 -9.69 27.07 -2.10
C GLY B 166 -10.55 25.83 -2.17
N LYS B 167 -10.61 25.21 -3.34
CA LYS B 167 -11.41 24.00 -3.50
C LYS B 167 -10.58 22.81 -3.02
N ARG B 168 -10.67 22.54 -1.72
CA ARG B 168 -9.76 21.58 -1.10
C ARG B 168 -10.41 20.65 -0.08
N ARG B 169 -11.72 20.79 0.12
CA ARG B 169 -12.43 19.89 1.00
C ARG B 169 -13.12 18.78 0.22
N LEU B 170 -13.48 17.69 0.90
CA LEU B 170 -14.23 16.62 0.28
C LEU B 170 -15.64 16.57 0.88
N MET B 171 -16.60 16.10 0.09
CA MET B 171 -17.96 15.89 0.59
C MET B 171 -18.36 14.44 0.33
N THR B 172 -19.11 13.87 1.25
CA THR B 172 -19.61 12.52 1.09
C THR B 172 -20.90 12.37 1.86
N TRP B 173 -21.49 11.20 1.77
CA TRP B 173 -22.62 10.88 2.62
C TRP B 173 -22.18 9.97 3.78
N ARG B 174 -23.02 9.87 4.80
CA ARG B 174 -22.71 8.97 5.91
C ARG B 174 -22.84 7.51 5.51
N GLY B 175 -22.26 6.64 6.34
CA GLY B 175 -22.27 5.20 6.10
C GLY B 175 -21.11 4.68 5.27
N GLY B 176 -20.16 5.55 4.93
CA GLY B 176 -19.12 5.20 3.97
C GLY B 176 -17.84 4.70 4.60
N TYR B 177 -17.01 4.06 3.78
CA TYR B 177 -15.68 3.61 4.19
C TYR B 177 -14.75 3.71 3.00
N HIS B 178 -13.53 4.20 3.23
CA HIS B 178 -12.61 4.41 2.11
C HIS B 178 -11.16 4.05 2.44
N GLY B 179 -10.96 3.31 3.52
CA GLY B 179 -9.62 2.89 3.91
C GLY B 179 -9.13 3.48 5.22
N ASP B 180 -7.89 3.18 5.57
CA ASP B 180 -7.42 3.44 6.96
C ASP B 180 -6.26 4.43 7.08
N THR B 181 -5.76 4.93 5.96
CA THR B 181 -4.75 6.00 6.05
C THR B 181 -5.45 7.30 6.46
N PHE B 182 -4.70 8.30 6.91
CA PHE B 182 -5.37 9.41 7.61
C PHE B 182 -6.30 10.26 6.72
N LEU B 183 -5.98 10.47 5.45
CA LEU B 183 -6.95 11.16 4.58
C LEU B 183 -8.17 10.27 4.35
N ALA B 184 -7.95 8.99 4.07
CA ALA B 184 -9.07 8.07 3.85
C ALA B 184 -10.01 8.03 5.06
N MET B 185 -9.44 8.06 6.26
CA MET B 185 -10.23 8.03 7.48
C MET B 185 -11.20 9.20 7.58
N SER B 186 -10.81 10.31 6.98
CA SER B 186 -11.58 11.56 7.12
C SER B 186 -12.91 11.53 6.38
N ILE B 187 -13.10 10.55 5.48
CA ILE B 187 -14.40 10.43 4.80
C ILE B 187 -15.16 9.16 5.21
N CYS B 188 -14.63 8.45 6.20
CA CYS B 188 -15.40 7.45 6.93
C CYS B 188 -16.39 8.18 7.85
N ASP B 189 -17.54 7.58 8.13
CA ASP B 189 -18.55 8.25 8.96
C ASP B 189 -18.06 8.53 10.39
N PRO B 190 -17.98 9.81 10.80
CA PRO B 190 -17.44 10.23 12.11
C PRO B 190 -18.34 9.86 13.28
N HIS B 191 -19.62 9.57 13.04
N HIS B 191 -19.60 9.53 12.97
CA HIS B 191 -20.53 9.36 14.16
CA HIS B 191 -20.59 9.11 13.95
C HIS B 191 -20.36 7.97 14.78
C HIS B 191 -20.71 7.59 14.00
N GLY B 192 -20.57 6.94 13.96
N GLY B 192 -19.79 6.95 14.72
CA GLY B 192 -20.47 5.57 14.43
CA GLY B 192 -19.88 5.52 14.93
C GLY B 192 -19.69 4.70 13.47
C GLY B 192 -19.26 4.67 13.86
N GLY B 193 -18.71 5.29 12.81
CA GLY B 193 -17.89 4.57 11.85
C GLY B 193 -16.65 4.05 12.54
N MET B 194 -15.89 3.19 11.88
N MET B 194 -15.92 3.19 11.84
CA MET B 194 -14.78 2.54 12.56
CA MET B 194 -14.73 2.54 12.40
C MET B 194 -13.67 3.52 12.97
C MET B 194 -13.71 3.53 12.96
N HIS B 195 -13.61 4.68 12.33
CA HIS B 195 -12.59 5.68 12.71
C HIS B 195 -13.15 6.82 13.53
N SER B 196 -14.30 6.59 14.16
CA SER B 196 -15.03 7.63 14.89
CA SER B 196 -15.02 7.66 14.86
C SER B 196 -14.27 8.24 16.06
N LEU B 197 -13.34 7.49 16.65
CA LEU B 197 -12.61 8.04 17.80
C LEU B 197 -11.59 9.11 17.39
N TRP B 198 -11.30 9.21 16.11
CA TRP B 198 -10.24 10.08 15.62
C TRP B 198 -10.74 11.42 15.10
N THR B 199 -12.03 11.68 15.27
CA THR B 199 -12.64 12.89 14.71
C THR B 199 -11.86 14.17 15.01
N ASP B 200 -11.35 14.26 16.24
CA ASP B 200 -10.67 15.49 16.68
C ASP B 200 -9.29 15.74 16.06
N VAL B 201 -8.83 14.85 15.17
N VAL B 201 -8.87 14.83 15.18
CA VAL B 201 -7.54 15.09 14.53
CA VAL B 201 -7.54 14.90 14.57
C VAL B 201 -7.56 14.89 13.00
C VAL B 201 -7.64 15.00 13.05
N LEU B 202 -8.66 14.38 12.48
CA LEU B 202 -8.80 14.24 11.03
C LEU B 202 -9.21 15.55 10.35
N ALA B 203 -8.87 15.68 9.07
CA ALA B 203 -9.41 16.76 8.24
C ALA B 203 -10.93 16.75 8.36
N ALA B 204 -11.53 17.93 8.49
CA ALA B 204 -12.96 18.04 8.66
C ALA B 204 -13.63 18.14 7.31
N GLN B 205 -14.36 17.09 6.94
CA GLN B 205 -15.01 17.04 5.63
C GLN B 205 -16.50 17.33 5.78
N VAL B 206 -17.18 17.47 4.65
CA VAL B 206 -18.61 17.76 4.63
C VAL B 206 -19.40 16.47 4.49
N PHE B 207 -20.31 16.21 5.42
CA PHE B 207 -21.11 15.00 5.35
C PHE B 207 -22.58 15.28 5.16
N ALA B 208 -23.13 14.70 4.10
CA ALA B 208 -24.57 14.64 3.93
C ALA B 208 -25.10 13.47 4.75
N PRO B 209 -26.41 13.49 5.07
CA PRO B 209 -27.00 12.37 5.81
C PRO B 209 -26.89 11.05 5.07
N GLN B 210 -27.10 9.96 5.79
CA GLN B 210 -27.12 8.61 5.21
C GLN B 210 -28.04 8.53 4.00
N VAL B 211 -27.52 8.05 2.86
CA VAL B 211 -28.36 7.90 1.68
C VAL B 211 -29.33 6.74 1.90
N PRO B 212 -30.62 6.97 1.61
CA PRO B 212 -31.61 5.91 1.83
C PRO B 212 -31.50 4.76 0.85
N ARG B 213 -32.12 3.64 1.17
CA ARG B 213 -32.20 2.53 0.23
C ARG B 213 -33.09 2.89 -0.96
N ASP B 214 -34.34 3.29 -0.68
CA ASP B 214 -35.29 3.62 -1.74
C ASP B 214 -35.06 5.02 -2.29
N TYR B 215 -35.36 5.21 -3.57
CA TYR B 215 -35.09 6.50 -4.19
C TYR B 215 -36.08 7.56 -3.73
N ASP B 216 -35.55 8.66 -3.20
CA ASP B 216 -36.32 9.82 -2.78
C ASP B 216 -35.67 11.08 -3.34
N PRO B 217 -36.32 11.73 -4.30
CA PRO B 217 -35.68 12.91 -4.90
C PRO B 217 -35.45 14.03 -3.88
N ALA B 218 -36.16 14.00 -2.75
CA ALA B 218 -35.96 14.98 -1.70
C ALA B 218 -34.57 14.85 -1.11
N TYR B 219 -34.05 13.62 -1.03
CA TYR B 219 -32.72 13.43 -0.49
C TYR B 219 -31.70 14.12 -1.38
N SER B 220 -31.83 13.91 -2.69
CA SER B 220 -30.91 14.51 -3.64
C SER B 220 -31.01 16.03 -3.64
N ALA B 221 -32.23 16.56 -3.54
CA ALA B 221 -32.37 18.01 -3.49
C ALA B 221 -31.68 18.60 -2.27
N ALA B 222 -31.79 17.90 -1.14
CA ALA B 222 -31.13 18.33 0.08
C ALA B 222 -29.61 18.24 -0.06
N PHE B 223 -29.14 17.14 -0.64
CA PHE B 223 -27.70 16.97 -0.90
C PHE B 223 -27.20 18.15 -1.73
N GLU B 224 -27.94 18.48 -2.79
CA GLU B 224 -27.58 19.60 -3.66
C GLU B 224 -27.51 20.93 -2.90
N ALA B 225 -28.53 21.21 -2.09
CA ALA B 225 -28.55 22.47 -1.35
C ALA B 225 -27.37 22.58 -0.39
N GLN B 226 -27.02 21.46 0.25
CA GLN B 226 -25.88 21.44 1.15
C GLN B 226 -24.58 21.64 0.37
N LEU B 227 -24.42 20.88 -0.71
CA LEU B 227 -23.24 21.02 -1.58
C LEU B 227 -23.10 22.45 -2.07
N ALA B 228 -24.22 23.04 -2.47
CA ALA B 228 -24.19 24.38 -3.07
C ALA B 228 -23.54 25.40 -2.14
N GLN B 229 -23.83 25.28 -0.85
CA GLN B 229 -23.32 26.20 0.14
C GLN B 229 -21.81 26.08 0.29
N HIS B 230 -21.29 24.90 -0.03
CA HIS B 230 -19.87 24.59 0.12
C HIS B 230 -19.10 24.53 -1.19
N ALA B 231 -19.76 24.76 -2.32
CA ALA B 231 -19.19 24.45 -3.63
C ALA B 231 -17.82 25.10 -3.85
N GLY B 232 -17.67 26.34 -3.40
CA GLY B 232 -16.43 27.06 -3.57
C GLY B 232 -15.25 26.56 -2.75
N GLU B 233 -15.51 25.68 -1.78
CA GLU B 233 -14.42 25.11 -1.01
C GLU B 233 -14.32 23.59 -1.18
N LEU B 234 -15.11 23.03 -2.09
CA LEU B 234 -15.10 21.59 -2.32
C LEU B 234 -14.33 21.22 -3.57
N ALA B 235 -13.38 20.29 -3.42
CA ALA B 235 -12.73 19.69 -4.57
C ALA B 235 -13.54 18.58 -5.19
N ALA B 236 -14.18 17.77 -4.35
CA ALA B 236 -14.81 16.56 -4.86
C ALA B 236 -15.86 16.00 -3.90
N VAL B 237 -16.84 15.35 -4.51
CA VAL B 237 -17.72 14.41 -3.82
C VAL B 237 -17.11 13.02 -3.98
N VAL B 238 -16.93 12.30 -2.88
CA VAL B 238 -16.40 10.93 -2.92
CA VAL B 238 -16.43 10.93 -2.97
C VAL B 238 -17.41 9.97 -2.29
N VAL B 239 -17.85 8.96 -3.05
CA VAL B 239 -18.80 7.97 -2.52
C VAL B 239 -18.51 6.56 -3.02
N GLU B 240 -19.03 5.58 -2.29
CA GLU B 240 -19.14 4.22 -2.84
C GLU B 240 -20.45 4.12 -3.62
N PRO B 241 -20.39 3.72 -4.89
CA PRO B 241 -21.63 3.64 -5.67
C PRO B 241 -22.42 2.36 -5.40
N VAL B 242 -23.73 2.54 -5.14
CA VAL B 242 -24.75 1.47 -4.99
C VAL B 242 -24.63 0.67 -3.69
N VAL B 243 -23.43 0.19 -3.38
CA VAL B 243 -23.20 -0.57 -2.15
C VAL B 243 -22.15 0.09 -1.27
N GLN B 244 -22.50 0.33 -0.01
CA GLN B 244 -21.55 0.78 1.00
C GLN B 244 -21.12 -0.43 1.81
N GLY B 245 -19.87 -0.84 1.68
CA GLY B 245 -19.43 -2.09 2.26
C GLY B 245 -19.09 -2.07 3.73
N ALA B 246 -17.85 -1.70 4.07
CA ALA B 246 -17.38 -1.84 5.44
C ALA B 246 -18.11 -0.97 6.45
N GLY B 247 -18.76 0.08 5.99
CA GLY B 247 -19.52 0.95 6.87
C GLY B 247 -20.91 0.43 7.21
N GLY B 248 -21.32 -0.70 6.65
CA GLY B 248 -22.58 -1.31 7.06
C GLY B 248 -23.35 -2.13 6.04
N MET B 249 -22.72 -2.50 4.93
CA MET B 249 -23.36 -3.31 3.88
CA MET B 249 -23.36 -3.31 3.90
C MET B 249 -24.75 -2.78 3.53
N ARG B 250 -24.82 -1.47 3.26
CA ARG B 250 -26.07 -0.81 2.88
C ARG B 250 -26.15 -0.65 1.38
N PHE B 251 -27.35 -0.80 0.83
CA PHE B 251 -27.56 -0.63 -0.61
C PHE B 251 -28.39 0.63 -0.84
N HIS B 252 -28.14 1.34 -1.94
CA HIS B 252 -29.02 2.47 -2.29
C HIS B 252 -29.33 2.45 -3.77
N ASP B 253 -30.44 3.09 -4.13
CA ASP B 253 -30.90 3.14 -5.51
C ASP B 253 -29.85 3.80 -6.41
N PRO B 254 -29.53 3.16 -7.55
CA PRO B 254 -28.52 3.74 -8.44
C PRO B 254 -28.87 5.13 -8.96
N ARG B 255 -30.15 5.50 -8.94
N ARG B 255 -30.15 5.50 -8.94
CA ARG B 255 -30.57 6.80 -9.44
CA ARG B 255 -30.56 6.80 -9.45
C ARG B 255 -29.94 7.95 -8.64
C ARG B 255 -29.89 7.93 -8.66
N TYR B 256 -29.55 7.66 -7.40
CA TYR B 256 -28.85 8.65 -6.58
C TYR B 256 -27.50 9.03 -7.24
N LEU B 257 -26.88 8.08 -7.92
CA LEU B 257 -25.60 8.34 -8.58
C LEU B 257 -25.80 9.25 -9.78
N HIS B 258 -26.91 9.04 -10.47
CA HIS B 258 -27.30 9.91 -11.58
C HIS B 258 -27.47 11.34 -11.09
N ASP B 259 -28.14 11.49 -9.94
CA ASP B 259 -28.28 12.80 -9.33
C ASP B 259 -26.94 13.42 -8.93
N LEU B 260 -26.04 12.63 -8.35
CA LEU B 260 -24.72 13.14 -7.96
C LEU B 260 -23.94 13.65 -9.15
N ARG B 261 -23.97 12.90 -10.25
CA ARG B 261 -23.27 13.29 -11.47
C ARG B 261 -23.77 14.66 -11.96
N ASP B 262 -25.09 14.83 -11.96
CA ASP B 262 -25.70 16.09 -12.36
C ASP B 262 -25.37 17.26 -11.42
N ILE B 263 -25.46 17.01 -10.11
CA ILE B 263 -25.15 18.03 -9.13
C ILE B 263 -23.68 18.46 -9.26
N CYS B 264 -22.79 17.48 -9.39
CA CYS B 264 -21.37 17.79 -9.51
C CYS B 264 -21.07 18.55 -10.79
N ARG B 265 -21.72 18.14 -11.88
CA ARG B 265 -21.60 18.85 -13.15
C ARG B 265 -22.01 20.32 -13.01
N ARG B 266 -23.20 20.56 -12.48
CA ARG B 266 -23.73 21.92 -12.42
C ARG B 266 -22.99 22.85 -11.44
N TYR B 267 -22.44 22.30 -10.36
CA TYR B 267 -21.76 23.12 -9.35
C TYR B 267 -20.23 23.07 -9.42
N GLU B 268 -19.71 22.41 -10.46
CA GLU B 268 -18.28 22.33 -10.71
C GLU B 268 -17.52 21.74 -9.51
N VAL B 269 -17.92 20.54 -9.16
CA VAL B 269 -17.24 19.75 -8.16
C VAL B 269 -16.93 18.40 -8.79
N LEU B 270 -15.73 17.87 -8.61
CA LEU B 270 -15.40 16.58 -9.22
C LEU B 270 -16.18 15.44 -8.54
N LEU B 271 -16.49 14.39 -9.29
CA LEU B 271 -17.14 13.21 -8.71
C LEU B 271 -16.16 12.04 -8.68
N ILE B 272 -15.95 11.49 -7.48
CA ILE B 272 -15.06 10.33 -7.33
C ILE B 272 -15.86 9.13 -6.88
N PHE B 273 -15.80 8.03 -7.64
CA PHE B 273 -16.41 6.77 -7.21
C PHE B 273 -15.33 5.86 -6.68
N ASP B 274 -15.51 5.42 -5.43
CA ASP B 274 -14.65 4.39 -4.84
C ASP B 274 -15.30 3.04 -5.13
N GLU B 275 -14.75 2.32 -6.11
CA GLU B 275 -15.29 1.02 -6.51
C GLU B 275 -14.38 -0.10 -6.07
N ILE B 276 -13.65 0.14 -4.97
CA ILE B 276 -12.69 -0.85 -4.52
C ILE B 276 -13.40 -2.12 -4.04
N ALA B 277 -14.61 -2.00 -3.47
CA ALA B 277 -15.40 -3.18 -3.10
C ALA B 277 -16.40 -3.61 -4.16
N THR B 278 -16.92 -2.65 -4.93
CA THR B 278 -18.01 -2.94 -5.86
C THR B 278 -17.55 -3.38 -7.26
N GLY B 279 -16.27 -3.23 -7.56
CA GLY B 279 -15.77 -3.51 -8.90
C GLY B 279 -15.82 -4.96 -9.35
N PHE B 280 -15.64 -5.15 -10.66
CA PHE B 280 -15.46 -6.48 -11.26
C PHE B 280 -16.61 -7.43 -10.97
N GLY B 281 -17.83 -6.92 -11.16
CA GLY B 281 -19.01 -7.76 -11.23
C GLY B 281 -19.77 -7.98 -9.94
N ARG B 282 -19.22 -7.52 -8.82
CA ARG B 282 -19.72 -7.94 -7.52
C ARG B 282 -21.19 -7.57 -7.28
N THR B 283 -21.62 -6.41 -7.78
CA THR B 283 -23.01 -5.97 -7.59
C THR B 283 -23.94 -6.32 -8.75
N GLY B 284 -23.47 -7.11 -9.71
CA GLY B 284 -24.33 -7.51 -10.82
C GLY B 284 -24.08 -6.74 -12.11
N ALA B 285 -23.35 -5.64 -12.00
CA ALA B 285 -22.85 -4.93 -13.17
C ALA B 285 -21.34 -5.01 -13.12
N LEU B 286 -20.65 -4.74 -14.22
CA LEU B 286 -19.19 -4.85 -14.21
C LEU B 286 -18.61 -3.90 -13.17
N PHE B 287 -19.09 -2.66 -13.21
CA PHE B 287 -18.83 -1.70 -12.16
C PHE B 287 -20.16 -1.13 -11.71
N ALA B 288 -20.27 -0.80 -10.43
CA ALA B 288 -21.57 -0.43 -9.88
C ALA B 288 -22.10 0.85 -10.52
N ALA B 289 -21.21 1.74 -10.94
CA ALA B 289 -21.60 2.94 -11.69
C ALA B 289 -22.46 2.60 -12.92
N ASP B 290 -22.23 1.43 -13.49
CA ASP B 290 -22.95 1.02 -14.69
C ASP B 290 -24.45 0.85 -14.45
N HIS B 291 -24.83 0.56 -13.20
CA HIS B 291 -26.25 0.49 -12.83
C HIS B 291 -26.97 1.80 -13.09
N ALA B 292 -26.23 2.89 -12.98
CA ALA B 292 -26.77 4.24 -13.10
C ALA B 292 -26.50 4.84 -14.46
N GLY B 293 -25.59 4.21 -15.21
CA GLY B 293 -25.20 4.71 -16.51
C GLY B 293 -24.44 6.02 -16.44
N VAL B 294 -23.62 6.15 -15.39
N VAL B 294 -23.70 6.24 -15.38
CA VAL B 294 -22.90 7.37 -15.03
CA VAL B 294 -22.88 7.45 -15.33
C VAL B 294 -21.39 7.15 -14.96
C VAL B 294 -21.41 7.13 -15.10
N SER B 295 -20.60 8.13 -15.39
CA SER B 295 -19.15 8.04 -15.24
C SER B 295 -18.67 9.09 -14.24
N PRO B 296 -17.79 8.69 -13.30
CA PRO B 296 -17.19 9.67 -12.41
C PRO B 296 -16.02 10.36 -13.11
N ASP B 297 -15.47 11.41 -12.50
CA ASP B 297 -14.28 12.05 -13.04
C ASP B 297 -13.04 11.25 -12.66
N ILE B 298 -13.11 10.60 -11.50
CA ILE B 298 -12.00 9.82 -10.96
C ILE B 298 -12.59 8.56 -10.34
N MET B 299 -11.87 7.44 -10.45
CA MET B 299 -12.39 6.16 -9.98
C MET B 299 -11.29 5.33 -9.34
N CYS B 300 -11.61 4.69 -8.22
CA CYS B 300 -10.66 3.80 -7.56
C CYS B 300 -11.10 2.35 -7.66
N VAL B 301 -10.14 1.48 -7.96
CA VAL B 301 -10.40 0.05 -7.95
C VAL B 301 -9.31 -0.69 -7.18
N GLY B 302 -9.64 -1.88 -6.71
CA GLY B 302 -8.70 -2.67 -5.94
C GLY B 302 -9.33 -4.00 -5.61
N LYS B 303 -8.97 -4.56 -4.46
CA LYS B 303 -9.49 -5.84 -3.94
C LYS B 303 -9.58 -6.92 -5.02
N ALA B 304 -10.72 -7.08 -5.68
CA ALA B 304 -10.90 -8.16 -6.64
C ALA B 304 -10.10 -7.98 -7.94
N LEU B 305 -9.49 -6.80 -8.11
CA LEU B 305 -8.62 -6.52 -9.25
C LEU B 305 -7.61 -7.64 -9.54
N THR B 306 -6.97 -8.15 -8.50
CA THR B 306 -5.97 -9.21 -8.66
C THR B 306 -6.51 -10.61 -8.45
N GLY B 307 -7.84 -10.74 -8.36
CA GLY B 307 -8.44 -12.03 -8.03
C GLY B 307 -8.02 -12.51 -6.66
N GLY B 308 -7.54 -11.59 -5.83
CA GLY B 308 -7.20 -11.91 -4.47
C GLY B 308 -5.83 -12.53 -4.25
N TYR B 309 -4.96 -12.46 -5.26
CA TYR B 309 -3.62 -13.06 -5.13
C TYR B 309 -2.61 -12.15 -4.45
N LEU B 310 -2.65 -10.87 -4.82
CA LEU B 310 -1.64 -9.89 -4.44
C LEU B 310 -2.29 -8.54 -4.24
N SER B 311 -1.63 -7.68 -3.46
CA SER B 311 -2.11 -6.33 -3.28
CA SER B 311 -2.12 -6.34 -3.28
C SER B 311 -1.82 -5.47 -4.50
N LEU B 312 -2.86 -4.86 -5.05
CA LEU B 312 -2.73 -3.91 -6.15
C LEU B 312 -3.96 -3.03 -6.14
N ALA B 313 -3.83 -1.80 -6.60
CA ALA B 313 -4.97 -0.91 -6.73
C ALA B 313 -4.73 0.03 -7.91
N ALA B 314 -5.74 0.78 -8.31
CA ALA B 314 -5.54 1.74 -9.40
C ALA B 314 -6.49 2.89 -9.24
N THR B 315 -6.03 4.05 -9.68
CA THR B 315 -6.86 5.24 -9.72
C THR B 315 -6.96 5.70 -11.17
N LEU B 316 -8.18 5.74 -11.68
CA LEU B 316 -8.38 6.16 -13.06
C LEU B 316 -8.93 7.55 -13.09
N CYS B 317 -8.60 8.31 -14.14
CA CYS B 317 -9.23 9.63 -14.30
C CYS B 317 -9.46 9.98 -15.76
N THR B 318 -10.21 11.04 -15.96
CA THR B 318 -10.52 11.49 -17.31
C THR B 318 -9.34 12.24 -17.94
N ALA B 319 -9.39 12.40 -19.26
CA ALA B 319 -8.39 13.18 -19.96
C ALA B 319 -8.35 14.61 -19.44
N ASP B 320 -9.52 15.18 -19.13
CA ASP B 320 -9.60 16.53 -18.58
C ASP B 320 -8.87 16.64 -17.25
N VAL B 321 -9.11 15.67 -16.36
CA VAL B 321 -8.46 15.70 -15.06
C VAL B 321 -6.96 15.55 -15.23
N ALA B 322 -6.55 14.58 -16.05
CA ALA B 322 -5.13 14.31 -16.24
C ALA B 322 -4.40 15.52 -16.82
N HIS B 323 -5.00 16.16 -17.81
N HIS B 323 -4.99 16.13 -17.84
CA HIS B 323 -4.30 17.25 -18.46
CA HIS B 323 -4.40 17.28 -18.51
C HIS B 323 -4.38 18.56 -17.67
C HIS B 323 -4.34 18.48 -17.58
N THR B 324 -5.43 18.72 -16.87
CA THR B 324 -5.54 19.91 -16.03
C THR B 324 -4.57 19.87 -14.86
N ILE B 325 -4.44 18.67 -14.27
N ILE B 325 -4.33 18.68 -14.31
CA ILE B 325 -3.66 18.45 -13.05
CA ILE B 325 -3.19 18.51 -13.45
C ILE B 325 -2.26 19.01 -13.17
C ILE B 325 -1.95 18.73 -14.32
N SER B 326 -1.73 18.98 -14.38
N SER B 326 -1.04 19.57 -13.86
CA SER B 326 -0.42 19.55 -14.68
CA SER B 326 0.12 19.99 -14.65
C SER B 326 -0.57 20.74 -15.61
C SER B 326 -0.33 20.79 -15.87
N ALA B 327 -1.81 21.19 -15.79
N ALA B 327 -1.19 21.78 -15.62
CA ALA B 327 -2.07 22.47 -16.44
CA ALA B 327 -1.57 22.76 -16.64
C ALA B 327 -2.56 23.43 -15.38
C ALA B 327 -0.62 23.99 -16.63
N GLY B 328 -1.63 24.06 -14.67
N GLY B 328 -0.46 24.83 -15.59
CA GLY B 328 -0.23 24.04 -15.08
CA GLY B 328 -1.17 25.01 -14.30
C GLY B 328 0.79 24.12 -13.95
C GLY B 328 -0.33 25.95 -13.45
N ALA B 329 0.74 25.25 -13.23
N ALA B 329 0.98 25.72 -13.52
CA ALA B 329 1.82 25.73 -12.38
CA ALA B 329 1.92 26.21 -12.53
C ALA B 329 2.61 24.75 -11.54
C ALA B 329 2.01 25.18 -11.42
N ALA B 330 1.92 24.08 -10.62
N ALA B 330 1.15 24.17 -11.48
CA ALA B 330 2.55 23.15 -9.70
CA ALA B 330 1.00 23.24 -10.35
C ALA B 330 3.38 22.09 -10.41
C ALA B 330 1.85 21.97 -10.49
N GLY B 331 2.87 21.63 -11.55
N GLY B 331 2.47 21.77 -11.65
CA GLY B 331 3.58 20.67 -12.37
CA GLY B 331 3.51 20.76 -11.80
C GLY B 331 3.13 19.23 -12.17
C GLY B 331 3.09 19.29 -11.78
N ALA B 332 4.08 18.39 -11.78
CA ALA B 332 3.86 16.94 -11.77
C ALA B 332 2.99 16.49 -10.61
N LEU B 333 2.33 15.33 -10.79
CA LEU B 333 1.65 14.68 -9.67
C LEU B 333 2.71 13.96 -8.84
N MET B 334 2.99 14.47 -7.64
CA MET B 334 4.11 13.94 -6.87
C MET B 334 3.68 12.75 -6.02
N HIS B 335 3.48 11.63 -6.70
CA HIS B 335 3.19 10.37 -6.06
C HIS B 335 3.92 9.31 -6.85
N GLY B 336 4.42 8.29 -6.17
CA GLY B 336 5.23 7.28 -6.85
C GLY B 336 5.56 6.08 -5.98
N PRO B 337 4.59 5.18 -5.79
CA PRO B 337 4.83 4.02 -4.91
C PRO B 337 6.02 3.18 -5.40
N THR B 338 6.84 2.69 -4.48
CA THR B 338 8.05 1.97 -4.86
C THR B 338 7.73 0.83 -5.81
N PHE B 339 6.67 0.09 -5.50
CA PHE B 339 6.33 -1.09 -6.30
C PHE B 339 5.24 -0.79 -7.32
N MET B 340 5.10 0.48 -7.70
CA MET B 340 4.15 0.90 -8.71
C MET B 340 4.16 -0.01 -9.94
N ALA B 341 2.97 -0.45 -10.35
CA ALA B 341 2.75 -1.27 -11.54
C ALA B 341 3.60 -2.55 -11.52
N ASN B 342 3.76 -3.13 -10.33
CA ASN B 342 4.52 -4.38 -10.17
C ASN B 342 4.12 -5.41 -11.21
N PRO B 343 5.09 -5.89 -12.02
CA PRO B 343 4.76 -6.87 -13.08
C PRO B 343 4.02 -8.12 -12.57
N LEU B 344 4.40 -8.67 -11.41
CA LEU B 344 3.72 -9.88 -10.93
C LEU B 344 2.25 -9.60 -10.65
N ALA B 345 1.99 -8.53 -9.91
CA ALA B 345 0.61 -8.19 -9.57
C ALA B 345 -0.19 -7.79 -10.79
N CYS B 346 0.43 -7.05 -11.73
CA CYS B 346 -0.27 -6.69 -12.95
C CYS B 346 -0.58 -7.93 -13.80
N ALA B 347 0.35 -8.87 -13.84
CA ALA B 347 0.18 -10.06 -14.68
C ALA B 347 -0.99 -10.91 -14.21
N VAL B 348 -1.09 -11.14 -12.92
CA VAL B 348 -2.19 -11.95 -12.43
C VAL B 348 -3.51 -11.19 -12.53
N SER B 349 -3.48 -9.86 -12.44
CA SER B 349 -4.70 -9.07 -12.59
CA SER B 349 -4.69 -9.06 -12.59
C SER B 349 -5.22 -9.14 -14.02
N VAL B 350 -4.30 -9.06 -14.99
CA VAL B 350 -4.68 -9.20 -16.39
C VAL B 350 -5.42 -10.53 -16.60
N ALA B 351 -4.86 -11.60 -16.04
CA ALA B 351 -5.49 -12.90 -16.16
C ALA B 351 -6.85 -12.94 -15.48
N SER B 352 -6.94 -12.34 -14.31
CA SER B 352 -8.20 -12.34 -13.57
C SER B 352 -9.29 -11.57 -14.31
N VAL B 353 -8.93 -10.42 -14.87
CA VAL B 353 -9.89 -9.60 -15.60
C VAL B 353 -10.32 -10.31 -16.88
N GLU B 354 -9.36 -10.88 -17.60
CA GLU B 354 -9.68 -11.59 -18.85
C GLU B 354 -10.56 -12.82 -18.56
N LEU B 355 -10.28 -13.51 -17.46
CA LEU B 355 -11.09 -14.67 -17.09
C LEU B 355 -12.53 -14.25 -16.82
N LEU B 356 -12.69 -13.09 -16.18
CA LEU B 356 -14.03 -12.57 -15.91
C LEU B 356 -14.74 -12.19 -17.21
N LEU B 357 -14.07 -11.44 -18.09
CA LEU B 357 -14.70 -10.97 -19.32
C LEU B 357 -14.99 -12.09 -20.32
N GLY B 358 -14.24 -13.18 -20.21
CA GLY B 358 -14.35 -14.27 -21.17
C GLY B 358 -15.44 -15.26 -20.86
N GLN B 359 -16.19 -15.01 -19.79
CA GLN B 359 -17.31 -15.87 -19.42
C GLN B 359 -18.57 -15.02 -19.33
N ASP B 360 -19.73 -15.66 -19.27
CA ASP B 360 -20.97 -14.92 -19.04
C ASP B 360 -21.06 -14.57 -17.56
N TRP B 361 -20.30 -13.57 -17.13
CA TRP B 361 -20.25 -13.22 -15.72
C TRP B 361 -21.59 -12.65 -15.24
N ARG B 362 -22.34 -12.01 -16.13
CA ARG B 362 -23.59 -11.37 -15.72
C ARG B 362 -24.62 -12.41 -15.32
N THR B 363 -24.71 -13.50 -16.09
CA THR B 363 -25.58 -14.61 -15.73
C THR B 363 -25.10 -15.30 -14.45
N ARG B 364 -23.79 -15.48 -14.31
CA ARG B 364 -23.25 -16.10 -13.11
C ARG B 364 -23.65 -15.33 -11.85
N ILE B 365 -23.49 -14.00 -11.87
CA ILE B 365 -23.83 -13.18 -10.70
C ILE B 365 -25.34 -13.22 -10.41
N THR B 366 -26.14 -13.21 -11.48
CA THR B 366 -27.60 -13.31 -11.34
C THR B 366 -28.00 -14.59 -10.63
N GLU B 367 -27.36 -15.70 -11.01
CA GLU B 367 -27.60 -17.00 -10.37
C GLU B 367 -27.19 -16.98 -8.91
N LEU B 368 -26.02 -16.41 -8.63
CA LEU B 368 -25.55 -16.26 -7.26
C LEU B 368 -26.53 -15.45 -6.41
N ALA B 369 -26.99 -14.34 -6.96
CA ALA B 369 -27.94 -13.48 -6.25
C ALA B 369 -29.22 -14.26 -5.92
N ALA B 370 -29.68 -15.06 -6.88
CA ALA B 370 -30.89 -15.86 -6.69
C ALA B 370 -30.68 -16.91 -5.61
N GLY B 371 -29.50 -17.55 -5.62
CA GLY B 371 -29.17 -18.50 -4.59
C GLY B 371 -29.12 -17.89 -3.20
N LEU B 372 -28.57 -16.68 -3.12
CA LEU B 372 -28.46 -16.01 -1.84
C LEU B 372 -29.85 -15.64 -1.32
N THR B 373 -30.69 -15.11 -2.21
CA THR B 373 -32.04 -14.72 -1.83
C THR B 373 -32.84 -15.92 -1.34
N ALA B 374 -32.82 -17.02 -2.11
CA ALA B 374 -33.54 -18.22 -1.72
C ALA B 374 -33.04 -18.78 -0.38
N GLY B 375 -31.73 -18.78 -0.19
CA GLY B 375 -31.14 -19.37 1.00
C GLY B 375 -31.29 -18.54 2.27
N LEU B 376 -31.44 -17.23 2.11
CA LEU B 376 -31.48 -16.33 3.25
C LEU B 376 -32.90 -15.96 3.67
N ASP B 377 -33.88 -16.40 2.89
CA ASP B 377 -35.26 -15.97 3.07
C ASP B 377 -35.82 -16.30 4.46
N THR B 378 -35.51 -17.48 4.97
CA THR B 378 -36.05 -17.92 6.25
C THR B 378 -35.49 -17.10 7.42
N ALA B 379 -34.43 -16.32 7.16
CA ALA B 379 -33.83 -15.55 8.24
C ALA B 379 -34.70 -14.36 8.64
N ARG B 380 -35.58 -13.93 7.75
CA ARG B 380 -36.42 -12.75 8.03
C ARG B 380 -37.28 -12.95 9.28
N ALA B 381 -37.73 -14.18 9.50
CA ALA B 381 -38.64 -14.48 10.60
C ALA B 381 -37.93 -14.63 11.94
N LEU B 382 -36.61 -14.77 11.91
CA LEU B 382 -35.84 -14.90 13.14
C LEU B 382 -35.97 -13.64 14.00
N PRO B 383 -36.02 -13.81 15.34
CA PRO B 383 -36.35 -12.70 16.25
C PRO B 383 -35.30 -11.59 16.34
N ALA B 384 -34.04 -11.91 16.05
CA ALA B 384 -32.98 -10.92 16.17
C ALA B 384 -32.66 -10.28 14.83
N VAL B 385 -33.39 -10.68 13.79
CA VAL B 385 -33.13 -10.20 12.43
C VAL B 385 -33.99 -9.00 12.05
N THR B 386 -33.34 -7.91 11.65
CA THR B 386 -34.05 -6.69 11.28
C THR B 386 -34.20 -6.52 9.77
N ASP B 387 -33.26 -7.06 9.00
CA ASP B 387 -33.35 -7.01 7.55
C ASP B 387 -32.55 -8.12 6.91
N VAL B 388 -33.02 -8.59 5.76
CA VAL B 388 -32.28 -9.48 4.89
C VAL B 388 -32.26 -8.82 3.52
N ARG B 389 -31.07 -8.70 2.93
CA ARG B 389 -30.96 -8.03 1.64
C ARG B 389 -29.84 -8.64 0.79
N VAL B 390 -30.06 -8.63 -0.53
CA VAL B 390 -29.13 -9.19 -1.50
C VAL B 390 -28.94 -8.23 -2.67
N CYS B 391 -27.68 -8.04 -3.08
CA CYS B 391 -27.36 -7.26 -4.26
C CYS B 391 -26.24 -7.96 -5.00
N GLY B 392 -26.55 -8.53 -6.15
CA GLY B 392 -25.56 -9.30 -6.89
C GLY B 392 -25.04 -10.41 -6.00
N ALA B 393 -23.71 -10.58 -5.97
CA ALA B 393 -23.11 -11.64 -5.17
C ALA B 393 -22.77 -11.12 -3.77
N ILE B 394 -23.75 -10.45 -3.16
CA ILE B 394 -23.64 -9.97 -1.79
C ILE B 394 -24.93 -10.34 -1.06
N GLY B 395 -24.82 -11.06 0.05
CA GLY B 395 -25.98 -11.40 0.86
C GLY B 395 -25.80 -10.97 2.29
N VAL B 396 -26.81 -10.32 2.86
CA VAL B 396 -26.68 -9.71 4.19
C VAL B 396 -27.86 -10.06 5.09
N ILE B 397 -27.55 -10.55 6.28
CA ILE B 397 -28.53 -10.58 7.37
C ILE B 397 -28.15 -9.53 8.40
N GLU B 398 -28.99 -8.50 8.57
CA GLU B 398 -28.74 -7.47 9.58
C GLU B 398 -29.47 -7.83 10.87
N CYS B 399 -28.74 -7.85 11.98
CA CYS B 399 -29.33 -8.21 13.27
C CYS B 399 -29.54 -7.00 14.15
N ASP B 400 -30.30 -7.19 15.23
CA ASP B 400 -30.64 -6.10 16.15
C ASP B 400 -29.61 -5.89 17.27
N ARG B 401 -28.54 -6.69 17.24
CA ARG B 401 -27.53 -6.65 18.28
C ARG B 401 -26.21 -7.13 17.70
N PRO B 402 -25.08 -6.84 18.38
CA PRO B 402 -23.80 -7.27 17.83
C PRO B 402 -23.69 -8.78 17.75
N VAL B 403 -23.02 -9.28 16.72
CA VAL B 403 -22.82 -10.72 16.55
C VAL B 403 -21.56 -11.16 17.27
N ASP B 404 -21.72 -12.03 18.27
CA ASP B 404 -20.59 -12.52 19.06
C ASP B 404 -19.78 -13.53 18.25
N LEU B 405 -18.55 -13.16 17.90
CA LEU B 405 -17.70 -14.01 17.10
C LEU B 405 -17.38 -15.33 17.80
N ALA B 406 -17.33 -15.28 19.14
CA ALA B 406 -17.03 -16.49 19.92
C ALA B 406 -18.10 -17.56 19.75
N VAL B 407 -19.30 -17.13 19.40
CA VAL B 407 -20.41 -18.05 19.12
C VAL B 407 -20.56 -18.33 17.63
N ALA B 408 -20.47 -17.27 16.82
CA ALA B 408 -20.67 -17.36 15.38
C ALA B 408 -19.61 -18.22 14.68
N THR B 409 -18.36 -18.06 15.08
CA THR B 409 -17.26 -18.72 14.36
C THR B 409 -17.32 -20.25 14.47
N PRO B 410 -17.42 -20.80 15.70
CA PRO B 410 -17.53 -22.26 15.76
C PRO B 410 -18.77 -22.79 15.05
N ALA B 411 -19.88 -22.06 15.16
CA ALA B 411 -21.13 -22.50 14.57
C ALA B 411 -21.05 -22.64 13.06
N ALA B 412 -20.44 -21.66 12.40
CA ALA B 412 -20.32 -21.71 10.95
C ALA B 412 -19.29 -22.77 10.54
N LEU B 413 -18.18 -22.85 11.26
CA LEU B 413 -17.12 -23.81 10.96
C LEU B 413 -17.63 -25.24 11.01
N ASP B 414 -18.44 -25.54 12.03
CA ASP B 414 -18.99 -26.88 12.17
C ASP B 414 -19.96 -27.18 11.03
N ARG B 415 -20.42 -26.14 10.34
CA ARG B 415 -21.27 -26.31 9.17
C ARG B 415 -20.48 -26.16 7.88
N GLY B 416 -19.16 -26.15 8.02
CA GLY B 416 -18.26 -26.16 6.87
C GLY B 416 -18.13 -24.81 6.17
N VAL B 417 -18.29 -23.72 6.91
CA VAL B 417 -18.25 -22.40 6.29
C VAL B 417 -17.41 -21.43 7.12
N TRP B 418 -16.52 -20.69 6.45
CA TRP B 418 -15.83 -19.58 7.07
C TRP B 418 -16.64 -18.30 6.86
N LEU B 419 -17.18 -17.77 7.97
CA LEU B 419 -17.88 -16.48 7.95
C LEU B 419 -17.16 -15.54 8.90
N ARG B 420 -17.12 -14.27 8.53
CA ARG B 420 -16.58 -13.26 9.45
C ARG B 420 -17.57 -12.13 9.60
N PRO B 421 -18.47 -12.25 10.56
CA PRO B 421 -19.39 -11.14 10.86
C PRO B 421 -18.61 -9.94 11.39
N PHE B 422 -19.23 -8.75 11.30
CA PHE B 422 -18.71 -7.61 12.03
C PHE B 422 -19.90 -6.79 12.49
N ARG B 423 -19.72 -6.07 13.59
CA ARG B 423 -20.83 -5.34 14.20
CA ARG B 423 -20.81 -5.36 14.24
C ARG B 423 -22.05 -6.26 14.27
N ASN B 424 -23.18 -5.78 13.75
CA ASN B 424 -24.42 -6.58 13.77
C ASN B 424 -24.75 -7.29 12.46
N LEU B 425 -23.73 -7.59 11.65
CA LEU B 425 -23.97 -8.10 10.31
C LEU B 425 -23.44 -9.50 10.08
N VAL B 426 -24.31 -10.39 9.62
CA VAL B 426 -23.89 -11.71 9.16
C VAL B 426 -24.02 -11.66 7.64
N TYR B 427 -22.89 -11.72 6.93
CA TYR B 427 -22.94 -11.47 5.49
C TYR B 427 -21.98 -12.36 4.71
N ALA B 428 -22.23 -12.47 3.43
CA ALA B 428 -21.33 -13.21 2.55
C ALA B 428 -21.10 -12.48 1.26
N MET B 429 -19.88 -12.63 0.76
CA MET B 429 -19.53 -12.16 -0.58
CA MET B 429 -19.49 -12.16 -0.57
C MET B 429 -18.73 -13.29 -1.23
N PRO B 430 -19.45 -14.32 -1.68
CA PRO B 430 -18.81 -15.57 -2.09
C PRO B 430 -18.08 -15.50 -3.42
N PRO B 431 -17.11 -16.39 -3.63
CA PRO B 431 -16.45 -16.51 -4.93
C PRO B 431 -17.47 -16.77 -6.03
N TYR B 432 -17.21 -16.26 -7.24
CA TYR B 432 -18.18 -16.37 -8.32
C TYR B 432 -18.29 -17.81 -8.79
N ILE B 433 -17.31 -18.63 -8.42
CA ILE B 433 -17.28 -20.03 -8.86
C ILE B 433 -18.07 -20.96 -7.96
N CYS B 434 -18.73 -20.42 -6.94
CA CYS B 434 -19.51 -21.25 -6.03
C CYS B 434 -20.67 -21.90 -6.75
N THR B 435 -20.80 -23.21 -6.57
CA THR B 435 -21.93 -23.96 -7.11
C THR B 435 -23.20 -23.66 -6.31
N PRO B 436 -24.38 -24.00 -6.85
CA PRO B 436 -25.61 -23.82 -6.06
C PRO B 436 -25.57 -24.55 -4.71
N ALA B 437 -25.03 -25.77 -4.68
CA ALA B 437 -24.86 -26.51 -3.44
C ALA B 437 -24.03 -25.72 -2.43
N GLU B 438 -22.95 -25.11 -2.92
CA GLU B 438 -22.06 -24.36 -2.05
C GLU B 438 -22.73 -23.09 -1.52
N ILE B 439 -23.52 -22.42 -2.36
CA ILE B 439 -24.27 -21.25 -1.91
C ILE B 439 -25.33 -21.67 -0.90
N THR B 440 -25.96 -22.82 -1.13
CA THR B 440 -26.93 -23.33 -0.17
C THR B 440 -26.25 -23.61 1.18
N GLN B 441 -25.04 -24.17 1.13
CA GLN B 441 -24.30 -24.42 2.35
C GLN B 441 -23.93 -23.11 3.08
N ILE B 442 -23.50 -22.12 2.31
CA ILE B 442 -23.13 -20.82 2.89
C ILE B 442 -24.32 -20.12 3.55
N THR B 443 -25.45 -20.08 2.86
CA THR B 443 -26.64 -19.44 3.42
C THR B 443 -27.20 -20.17 4.63
N SER B 444 -27.14 -21.51 4.62
CA SER B 444 -27.62 -22.26 5.76
CA SER B 444 -27.61 -22.28 5.77
C SER B 444 -26.81 -21.92 7.03
N ALA B 445 -25.50 -21.80 6.87
CA ALA B 445 -24.62 -21.42 7.96
C ALA B 445 -24.92 -20.01 8.45
N MET B 446 -25.23 -19.11 7.52
CA MET B 446 -25.55 -17.74 7.88
C MET B 446 -26.84 -17.71 8.70
N VAL B 447 -27.85 -18.44 8.25
CA VAL B 447 -29.13 -18.52 8.96
C VAL B 447 -28.96 -19.05 10.38
N GLU B 448 -28.13 -20.08 10.56
CA GLU B 448 -27.90 -20.63 11.90
CA GLU B 448 -27.91 -20.63 11.90
C GLU B 448 -27.18 -19.66 12.82
N VAL B 449 -26.25 -18.89 12.27
CA VAL B 449 -25.57 -17.88 13.07
C VAL B 449 -26.58 -16.85 13.57
N ALA B 450 -27.44 -16.39 12.67
CA ALA B 450 -28.48 -15.42 13.01
C ALA B 450 -29.44 -16.01 14.06
N ARG B 451 -29.72 -17.30 13.94
CA ARG B 451 -30.59 -17.98 14.90
C ARG B 451 -29.96 -17.97 16.28
N LEU B 452 -28.66 -18.27 16.34
CA LEU B 452 -27.94 -18.25 17.60
C LEU B 452 -27.82 -16.86 18.21
N VAL B 453 -27.81 -15.83 17.37
CA VAL B 453 -27.70 -14.46 17.87
C VAL B 453 -28.91 -14.14 18.75
N GLY B 454 -30.09 -14.60 18.31
CA GLY B 454 -31.33 -14.34 19.01
C GLY B 454 -31.61 -15.29 20.17
N SER B 455 -30.59 -16.03 20.59
CA SER B 455 -30.73 -16.95 21.72
C SER B 455 -30.16 -16.35 22.99
N LEU B 456 -29.53 -15.17 22.86
CA LEU B 456 -28.94 -14.48 24.01
C LEU B 456 -29.06 -12.96 23.85
#